data_4NCC
#
_entry.id   4NCC
#
_cell.length_a   42.590
_cell.length_b   135.810
_cell.length_c   83.310
_cell.angle_alpha   90.00
_cell.angle_beta   93.93
_cell.angle_gamma   90.00
#
_symmetry.space_group_name_H-M   'P 1 21 1'
#
loop_
_entity.id
_entity.type
_entity.pdbx_description
1 polymer 'Fab fragment light'
2 polymer 'Fab fragment heavy'
3 water water
#
loop_
_entity_poly.entity_id
_entity_poly.type
_entity_poly.pdbx_seq_one_letter_code
_entity_poly.pdbx_strand_id
1 'polypeptide(L)'
;QIVLTQSPAIMSASPGEKVTITCSASSSVSYMHWFQQKPGTSPKLWIYSTSNLASGVPARFSGSGSGTSYSLTISRMEAE
DAATYYCQQRSSYPFTFGGGTKLEIKRADAAPTVSIFPPSSEQLTSGGASVVCFLNNFYPKDINVKWKIDGSERQNGVLN
SWTDQDSKDSTYSMSSTLTLTKDEYERHNSYTCEATHKTSTSPIVKSFNRN
;
L,1
2 'polypeptide(L)'
;EVKLLESGGGLVQPGGSLKLSCAASGFDFSRYWMSWVRQAPGKGLEWIGQINPHSSTINYTPSLRDKFIISRDNAKNTLY
LQMTKVRSEDTALYYCARLLRYFYALDYWGQGASVTVSSAKTTPPSVYPLAPGRAAAAASMVTLGCLVKGYFPEPVTVTW
NSGSLAAGVHTFPAVLQAALYTLSSSVTVPSSSWPSETVTCNVAHPASSTKVDKKIVPRAA
;
H,2
#
# COMPACT_ATOMS: atom_id res chain seq x y z
N GLN A 1 -39.39 -0.23 16.07
CA GLN A 1 -38.83 -0.94 14.91
C GLN A 1 -39.49 -2.31 14.67
N ILE A 2 -40.61 -2.27 13.94
CA ILE A 2 -41.27 -3.47 13.44
C ILE A 2 -40.27 -4.38 12.71
N VAL A 3 -40.21 -5.66 13.10
CA VAL A 3 -39.28 -6.59 12.48
C VAL A 3 -39.98 -7.38 11.36
N LEU A 4 -39.31 -7.52 10.22
CA LEU A 4 -39.89 -8.17 9.06
C LEU A 4 -39.17 -9.50 8.79
N THR A 5 -39.94 -10.57 8.64
CA THR A 5 -39.40 -11.89 8.43
C THR A 5 -39.94 -12.45 7.11
N GLN A 6 -39.04 -12.77 6.19
CA GLN A 6 -39.46 -13.22 4.87
C GLN A 6 -39.41 -14.73 4.80
N SER A 7 -40.26 -15.27 3.94
CA SER A 7 -40.39 -16.71 3.81
C SER A 7 -40.80 -17.07 2.39
N PRO A 8 -40.10 -18.03 1.78
CA PRO A 8 -38.87 -18.69 2.22
C PRO A 8 -37.68 -17.75 2.06
N ALA A 9 -36.49 -18.18 2.48
CA ALA A 9 -35.31 -17.34 2.47
C ALA A 9 -34.49 -17.58 1.22
N ILE A 10 -34.78 -18.69 0.56
CA ILE A 10 -34.17 -19.06 -0.71
C ILE A 10 -35.08 -20.10 -1.34
N MET A 11 -35.20 -20.07 -2.66
CA MET A 11 -36.09 -20.98 -3.36
C MET A 11 -35.73 -20.98 -4.83
N SER A 12 -35.74 -22.16 -5.45
CA SER A 12 -35.59 -22.26 -6.89
C SER A 12 -36.97 -22.53 -7.46
N ALA A 13 -37.23 -22.01 -8.65
CA ALA A 13 -38.52 -22.27 -9.30
C ALA A 13 -38.34 -22.47 -10.80
N SER A 14 -39.09 -23.44 -11.35
CA SER A 14 -39.02 -23.75 -12.76
C SER A 14 -39.69 -22.64 -13.56
N PRO A 15 -39.35 -22.53 -14.85
CA PRO A 15 -40.00 -21.45 -15.60
C PRO A 15 -41.47 -21.80 -15.77
N GLY A 16 -42.37 -20.88 -15.43
CA GLY A 16 -43.79 -21.13 -15.56
C GLY A 16 -44.39 -21.48 -14.21
N GLU A 17 -43.53 -21.68 -13.21
CA GLU A 17 -44.01 -21.99 -11.86
C GLU A 17 -44.57 -20.75 -11.17
N LYS A 18 -45.64 -20.95 -10.41
CA LYS A 18 -46.17 -19.90 -9.57
C LYS A 18 -45.26 -19.78 -8.35
N VAL A 19 -44.88 -18.55 -8.04
CA VAL A 19 -43.98 -18.29 -6.92
C VAL A 19 -44.64 -17.30 -5.94
N THR A 20 -44.61 -17.61 -4.64
CA THR A 20 -45.15 -16.72 -3.63
C THR A 20 -44.14 -16.48 -2.49
N ILE A 21 -43.85 -15.21 -2.23
CA ILE A 21 -42.92 -14.81 -1.18
C ILE A 21 -43.69 -14.10 -0.05
N THR A 22 -43.49 -14.52 1.19
CA THR A 22 -44.25 -13.97 2.31
C THR A 22 -43.40 -13.01 3.14
N CYS A 23 -44.00 -11.89 3.57
CA CYS A 23 -43.37 -10.98 4.51
C CYS A 23 -44.21 -10.90 5.78
N SER A 24 -43.63 -11.27 6.90
CA SER A 24 -44.33 -11.16 8.18
C SER A 24 -43.81 -10.01 9.01
N ALA A 25 -44.72 -9.31 9.69
CA ALA A 25 -44.36 -8.20 10.55
C ALA A 25 -44.65 -8.56 12.01
N SER A 26 -43.72 -8.19 12.89
CA SER A 26 -43.88 -8.34 14.33
C SER A 26 -45.08 -7.57 14.86
N SER A 27 -45.45 -6.48 14.19
CA SER A 27 -46.64 -5.72 14.54
C SER A 27 -47.29 -5.21 13.25
N SER A 28 -48.57 -4.90 13.31
CA SER A 28 -49.32 -4.53 12.12
C SER A 28 -48.77 -3.32 11.35
N VAL A 29 -48.77 -3.42 10.03
CA VAL A 29 -48.42 -2.30 9.15
C VAL A 29 -49.53 -2.10 8.10
N SER A 30 -49.56 -0.93 7.47
CA SER A 30 -50.71 -0.56 6.66
C SER A 30 -50.45 -0.77 5.19
N TYR A 31 -49.17 -0.90 4.84
CA TYR A 31 -48.75 -1.17 3.47
C TYR A 31 -47.46 -1.94 3.50
N MET A 32 -47.18 -2.65 2.42
CA MET A 32 -45.87 -3.25 2.26
C MET A 32 -45.33 -2.82 0.92
N HIS A 33 -44.02 -2.61 0.85
CA HIS A 33 -43.32 -2.31 -0.39
C HIS A 33 -42.39 -3.45 -0.72
N TRP A 34 -41.99 -3.54 -1.98
CA TRP A 34 -41.11 -4.62 -2.43
C TRP A 34 -40.09 -4.08 -3.42
N PHE A 35 -38.85 -4.54 -3.24
CA PHE A 35 -37.70 -4.15 -4.07
C PHE A 35 -36.99 -5.35 -4.65
N GLN A 36 -36.55 -5.21 -5.91
CA GLN A 36 -35.82 -6.29 -6.56
C GLN A 36 -34.38 -5.92 -6.63
N GLN A 37 -33.51 -6.85 -6.27
CA GLN A 37 -32.07 -6.67 -6.44
C GLN A 37 -31.40 -7.83 -7.16
N LYS A 38 -30.60 -7.48 -8.16
CA LYS A 38 -29.75 -8.44 -8.83
C LYS A 38 -28.30 -8.05 -8.50
N PRO A 39 -27.42 -9.06 -8.38
CA PRO A 39 -26.03 -8.82 -8.02
C PRO A 39 -25.38 -7.71 -8.87
N GLY A 40 -24.69 -6.79 -8.21
CA GLY A 40 -23.98 -5.73 -8.90
C GLY A 40 -24.72 -4.40 -8.96
N THR A 41 -26.04 -4.44 -8.95
CA THR A 41 -26.80 -3.20 -9.12
C THR A 41 -27.63 -2.90 -7.89
N SER A 42 -28.02 -1.63 -7.75
CA SER A 42 -28.78 -1.17 -6.61
C SER A 42 -30.21 -1.65 -6.69
N PRO A 43 -30.83 -1.83 -5.51
CA PRO A 43 -32.24 -2.21 -5.39
C PRO A 43 -33.15 -1.35 -6.26
N LYS A 44 -34.12 -2.02 -6.85
CA LYS A 44 -35.06 -1.34 -7.74
C LYS A 44 -36.44 -1.46 -7.13
N LEU A 45 -37.16 -0.35 -7.08
CA LEU A 45 -38.52 -0.35 -6.58
C LEU A 45 -39.37 -1.23 -7.49
N TRP A 46 -40.09 -2.17 -6.89
CA TRP A 46 -40.84 -3.15 -7.64
C TRP A 46 -42.35 -2.97 -7.49
N ILE A 47 -42.81 -2.99 -6.24
CA ILE A 47 -44.19 -2.77 -5.87
C ILE A 47 -44.26 -1.80 -4.71
N TYR A 48 -45.05 -0.74 -4.82
CA TYR A 48 -45.27 0.20 -3.72
C TYR A 48 -46.74 0.23 -3.28
N SER A 49 -46.97 0.61 -2.04
CA SER A 49 -48.31 0.58 -1.46
C SER A 49 -49.03 -0.74 -1.72
N THR A 50 -48.37 -1.84 -1.36
CA THR A 50 -48.99 -3.18 -1.33
C THR A 50 -49.22 -3.89 -2.67
N SER A 51 -49.96 -3.28 -3.59
CA SER A 51 -50.27 -3.99 -4.84
C SER A 51 -50.07 -3.18 -6.12
N ASN A 52 -49.30 -2.10 -6.04
CA ASN A 52 -49.04 -1.29 -7.23
C ASN A 52 -47.68 -1.58 -7.83
N LEU A 53 -47.66 -2.02 -9.08
CA LEU A 53 -46.38 -2.29 -9.74
C LEU A 53 -45.65 -1.01 -10.13
N ALA A 54 -44.36 -0.96 -9.86
CA ALA A 54 -43.54 0.18 -10.25
C ALA A 54 -43.43 0.26 -11.76
N SER A 55 -42.92 1.38 -12.26
CA SER A 55 -42.74 1.58 -13.69
C SER A 55 -41.79 0.55 -14.32
N GLY A 56 -42.31 -0.19 -15.29
CA GLY A 56 -41.51 -1.16 -16.01
C GLY A 56 -41.72 -2.60 -15.54
N VAL A 57 -42.35 -2.76 -14.38
CA VAL A 57 -42.56 -4.09 -13.82
C VAL A 57 -43.64 -4.82 -14.62
N PRO A 58 -43.33 -6.04 -15.11
CA PRO A 58 -44.26 -6.77 -15.95
C PRO A 58 -45.48 -7.27 -15.17
N ALA A 59 -46.55 -7.61 -15.89
CA ALA A 59 -47.83 -7.91 -15.24
C ALA A 59 -47.88 -9.20 -14.43
N ARG A 60 -46.99 -10.15 -14.69
CA ARG A 60 -47.03 -11.40 -13.93
C ARG A 60 -46.77 -11.18 -12.43
N PHE A 61 -46.50 -9.93 -12.05
CA PHE A 61 -46.27 -9.60 -10.65
C PHE A 61 -47.53 -9.06 -9.98
N SER A 62 -47.61 -9.23 -8.67
CA SER A 62 -48.70 -8.69 -7.88
C SER A 62 -48.34 -8.74 -6.40
N GLY A 63 -48.98 -7.90 -5.60
CA GLY A 63 -48.76 -7.92 -4.17
C GLY A 63 -50.09 -7.83 -3.45
N SER A 64 -50.12 -8.26 -2.20
CA SER A 64 -51.30 -8.17 -1.36
C SER A 64 -50.92 -8.41 0.08
N GLY A 65 -51.90 -8.48 0.94
CA GLY A 65 -51.64 -8.59 2.36
C GLY A 65 -52.42 -7.54 3.13
N SER A 66 -52.17 -7.49 4.44
CA SER A 66 -52.78 -6.57 5.39
C SER A 66 -52.23 -6.94 6.76
N GLY A 67 -52.26 -6.01 7.70
CA GLY A 67 -51.92 -6.31 9.08
C GLY A 67 -50.49 -6.75 9.29
N THR A 68 -50.26 -8.03 9.56
CA THR A 68 -48.89 -8.52 9.77
C THR A 68 -48.45 -9.57 8.76
N SER A 69 -49.12 -9.63 7.61
CA SER A 69 -48.70 -10.61 6.61
C SER A 69 -48.99 -10.16 5.22
N TYR A 70 -47.94 -9.88 4.46
CA TYR A 70 -48.08 -9.49 3.07
C TYR A 70 -47.32 -10.48 2.18
N SER A 71 -47.55 -10.43 0.88
CA SER A 71 -46.89 -11.33 -0.05
C SER A 71 -46.67 -10.74 -1.43
N LEU A 72 -45.77 -11.35 -2.18
CA LEU A 72 -45.49 -10.97 -3.56
C LEU A 72 -45.67 -12.24 -4.36
N THR A 73 -46.32 -12.12 -5.51
CA THR A 73 -46.63 -13.30 -6.30
C THR A 73 -46.19 -13.16 -7.76
N ILE A 74 -45.37 -14.11 -8.20
CA ILE A 74 -45.07 -14.26 -9.62
C ILE A 74 -45.95 -15.38 -10.12
N SER A 75 -46.82 -15.07 -11.07
CA SER A 75 -47.77 -16.05 -11.58
C SER A 75 -47.01 -17.15 -12.32
N ARG A 76 -46.07 -16.75 -13.15
CA ARG A 76 -45.28 -17.68 -13.95
C ARG A 76 -43.82 -17.26 -13.92
N MET A 77 -43.03 -18.00 -13.13
CA MET A 77 -41.60 -17.74 -12.98
C MET A 77 -40.90 -17.64 -14.34
N GLU A 78 -40.04 -16.65 -14.46
CA GLU A 78 -39.26 -16.45 -15.67
C GLU A 78 -37.83 -16.18 -15.32
N ALA A 79 -36.92 -16.56 -16.22
CA ALA A 79 -35.50 -16.48 -15.96
C ALA A 79 -35.11 -15.08 -15.47
N GLU A 80 -35.74 -14.06 -16.03
CA GLU A 80 -35.33 -12.72 -15.72
C GLU A 80 -35.86 -12.28 -14.35
N ASP A 81 -36.69 -13.11 -13.72
CA ASP A 81 -37.24 -12.79 -12.41
C ASP A 81 -36.34 -13.29 -11.28
N ALA A 82 -35.30 -14.01 -11.66
CA ALA A 82 -34.37 -14.56 -10.69
C ALA A 82 -33.53 -13.45 -10.06
N ALA A 83 -33.77 -13.19 -8.77
CA ALA A 83 -33.09 -12.11 -8.06
C ALA A 83 -33.32 -12.24 -6.58
N THR A 84 -33.02 -11.19 -5.82
CA THR A 84 -33.40 -11.19 -4.42
C THR A 84 -34.46 -10.13 -4.16
N TYR A 85 -35.50 -10.52 -3.43
CA TYR A 85 -36.63 -9.63 -3.21
C TYR A 85 -36.69 -9.23 -1.75
N TYR A 86 -36.71 -7.92 -1.50
CA TYR A 86 -36.89 -7.42 -0.15
C TYR A 86 -38.27 -6.79 0.03
N CYS A 87 -38.86 -7.00 1.20
CA CYS A 87 -40.02 -6.23 1.58
C CYS A 87 -39.59 -5.05 2.48
N GLN A 88 -40.38 -3.98 2.47
CA GLN A 88 -40.10 -2.83 3.30
C GLN A 88 -41.41 -2.26 3.81
N GLN A 89 -41.45 -1.89 5.10
CA GLN A 89 -42.61 -1.20 5.65
C GLN A 89 -42.31 0.29 5.86
N ARG A 90 -43.33 1.11 5.69
CA ARG A 90 -43.20 2.54 5.90
C ARG A 90 -44.40 3.08 6.66
N SER A 91 -44.89 2.30 7.62
CA SER A 91 -46.00 2.73 8.48
C SER A 91 -45.61 3.14 9.91
N SER A 92 -44.32 3.06 10.24
CA SER A 92 -43.82 3.47 11.55
C SER A 92 -42.31 3.55 11.52
N TYR A 93 -41.76 4.61 12.12
CA TYR A 93 -40.31 4.77 12.18
C TYR A 93 -39.76 3.90 13.29
N PRO A 94 -38.55 3.36 13.09
CA PRO A 94 -37.77 3.49 11.86
C PRO A 94 -38.31 2.55 10.77
N PHE A 95 -38.18 2.94 9.51
CA PHE A 95 -38.55 2.05 8.42
C PHE A 95 -37.61 0.86 8.43
N THR A 96 -38.11 -0.31 8.06
CA THR A 96 -37.32 -1.52 8.16
C THR A 96 -37.47 -2.38 6.93
N PHE A 97 -36.46 -3.22 6.69
CA PHE A 97 -36.48 -4.12 5.55
C PHE A 97 -36.61 -5.57 6.01
N GLY A 98 -37.15 -6.42 5.15
CA GLY A 98 -37.11 -7.86 5.40
C GLY A 98 -35.69 -8.36 5.14
N GLY A 99 -35.43 -9.61 5.49
CA GLY A 99 -34.11 -10.18 5.28
C GLY A 99 -33.80 -10.50 3.83
N GLY A 100 -34.83 -10.49 3.00
CA GLY A 100 -34.67 -10.80 1.59
C GLY A 100 -34.98 -12.24 1.28
N THR A 101 -35.45 -12.48 0.06
CA THR A 101 -35.65 -13.84 -0.43
C THR A 101 -34.95 -14.02 -1.77
N LYS A 102 -34.00 -14.96 -1.83
CA LYS A 102 -33.26 -15.18 -3.07
C LYS A 102 -34.04 -16.17 -3.93
N LEU A 103 -34.29 -15.78 -5.18
CA LEU A 103 -35.10 -16.58 -6.05
C LEU A 103 -34.28 -17.01 -7.24
N GLU A 104 -34.19 -18.32 -7.43
CA GLU A 104 -33.42 -18.86 -8.53
C GLU A 104 -34.27 -19.67 -9.50
N ILE A 105 -33.79 -19.79 -10.74
CA ILE A 105 -34.53 -20.49 -11.76
C ILE A 105 -33.98 -21.91 -12.01
N LYS A 106 -34.88 -22.88 -12.15
CA LYS A 106 -34.50 -24.26 -12.42
C LYS A 106 -34.16 -24.46 -13.90
N ARG A 107 -33.29 -25.41 -14.22
CA ARG A 107 -32.96 -25.78 -15.61
C ARG A 107 -32.49 -27.22 -15.61
N ALA A 108 -32.30 -27.77 -16.80
CA ALA A 108 -31.86 -29.16 -16.92
C ALA A 108 -30.60 -29.41 -16.07
N ASP A 109 -30.52 -30.59 -15.47
CA ASP A 109 -29.32 -30.98 -14.70
C ASP A 109 -28.10 -30.93 -15.60
N ALA A 110 -26.93 -30.69 -15.01
CA ALA A 110 -25.69 -30.65 -15.78
C ALA A 110 -24.46 -31.05 -14.96
N ALA A 111 -23.72 -32.03 -15.48
CA ALA A 111 -22.49 -32.46 -14.87
C ALA A 111 -21.44 -31.37 -15.01
N PRO A 112 -20.62 -31.18 -13.98
CA PRO A 112 -19.62 -30.12 -14.09
C PRO A 112 -18.49 -30.52 -15.03
N THR A 113 -17.80 -29.52 -15.56
CA THR A 113 -16.57 -29.73 -16.29
C THR A 113 -15.43 -29.37 -15.35
N VAL A 114 -14.58 -30.35 -15.02
CA VAL A 114 -13.61 -30.19 -13.97
C VAL A 114 -12.17 -30.03 -14.46
N SER A 115 -11.55 -28.92 -14.10
CA SER A 115 -10.16 -28.68 -14.46
C SER A 115 -9.31 -28.43 -13.22
N ILE A 116 -8.09 -28.95 -13.25
CA ILE A 116 -7.13 -28.81 -12.16
C ILE A 116 -5.86 -28.10 -12.63
N PHE A 117 -5.30 -27.26 -11.76
CA PHE A 117 -4.12 -26.49 -12.11
C PHE A 117 -3.11 -26.59 -10.98
N PRO A 118 -1.89 -27.04 -11.31
CA PRO A 118 -0.71 -27.09 -10.42
C PRO A 118 -0.20 -25.68 -10.21
N PRO A 119 0.70 -25.48 -9.23
CA PRO A 119 1.20 -24.13 -8.98
C PRO A 119 1.94 -23.56 -10.18
N SER A 120 1.69 -22.28 -10.43
CA SER A 120 2.51 -21.53 -11.35
C SER A 120 3.94 -21.58 -10.84
N SER A 121 4.90 -21.56 -11.76
CA SER A 121 6.29 -21.60 -11.39
C SER A 121 6.66 -20.32 -10.66
N GLU A 122 6.01 -19.23 -11.02
CA GLU A 122 6.25 -17.95 -10.38
C GLU A 122 5.84 -17.98 -8.90
N GLN A 123 4.72 -18.64 -8.61
CA GLN A 123 4.32 -18.76 -7.23
C GLN A 123 5.32 -19.62 -6.49
N LEU A 124 5.76 -20.71 -7.10
CA LEU A 124 6.75 -21.58 -6.48
C LEU A 124 8.10 -20.90 -6.18
N THR A 125 8.46 -19.85 -6.94
CA THR A 125 9.67 -19.11 -6.61
C THR A 125 9.56 -18.43 -5.23
N SER A 126 8.33 -18.27 -4.74
CA SER A 126 8.09 -17.47 -3.52
C SER A 126 8.02 -18.32 -2.27
N GLY A 127 7.97 -19.63 -2.42
CA GLY A 127 7.86 -20.49 -1.27
C GLY A 127 6.43 -20.80 -0.91
N GLY A 128 5.53 -20.74 -1.89
CA GLY A 128 4.13 -21.01 -1.64
C GLY A 128 3.53 -21.71 -2.84
N ALA A 129 2.66 -22.70 -2.60
CA ALA A 129 2.07 -23.49 -3.69
C ALA A 129 0.55 -23.65 -3.58
N SER A 130 -0.15 -23.21 -4.61
CA SER A 130 -1.60 -23.34 -4.64
C SER A 130 -2.06 -24.27 -5.76
N VAL A 131 -2.80 -25.30 -5.40
CA VAL A 131 -3.43 -26.15 -6.41
C VAL A 131 -4.87 -25.68 -6.55
N VAL A 132 -5.28 -25.36 -7.78
CA VAL A 132 -6.57 -24.76 -8.00
C VAL A 132 -7.40 -25.68 -8.85
N CYS A 133 -8.70 -25.80 -8.53
CA CYS A 133 -9.58 -26.66 -9.31
C CYS A 133 -10.89 -25.99 -9.68
N PHE A 134 -11.24 -26.07 -10.96
CA PHE A 134 -12.42 -25.40 -11.49
C PHE A 134 -13.51 -26.38 -11.86
N LEU A 135 -14.64 -26.27 -11.17
CA LEU A 135 -15.81 -27.08 -11.49
C LEU A 135 -16.81 -26.17 -12.18
N ASN A 136 -16.96 -26.36 -13.48
CA ASN A 136 -17.66 -25.37 -14.25
C ASN A 136 -18.96 -25.83 -14.85
N ASN A 137 -19.91 -24.90 -14.83
CA ASN A 137 -21.16 -25.03 -15.55
C ASN A 137 -22.03 -26.22 -15.23
N PHE A 138 -22.35 -26.39 -13.94
CA PHE A 138 -23.19 -27.49 -13.47
C PHE A 138 -24.54 -27.05 -12.89
N TYR A 139 -25.48 -28.00 -12.82
CA TYR A 139 -26.78 -27.82 -12.16
C TYR A 139 -27.26 -29.15 -11.62
N PRO A 140 -27.72 -29.19 -10.34
CA PRO A 140 -27.94 -28.07 -9.41
C PRO A 140 -26.68 -27.64 -8.71
N LYS A 141 -26.81 -26.71 -7.77
CA LYS A 141 -25.61 -26.10 -7.18
C LYS A 141 -24.99 -26.97 -6.08
N ASP A 142 -25.76 -27.91 -5.56
CA ASP A 142 -25.25 -28.80 -4.54
C ASP A 142 -24.12 -29.65 -5.13
N ILE A 143 -22.94 -29.55 -4.54
CA ILE A 143 -21.79 -30.32 -5.05
C ILE A 143 -20.66 -30.55 -3.99
N ASN A 144 -20.05 -31.73 -4.06
CA ASN A 144 -19.01 -32.13 -3.12
C ASN A 144 -17.67 -32.20 -3.81
N VAL A 145 -16.71 -31.40 -3.36
CA VAL A 145 -15.36 -31.48 -3.89
C VAL A 145 -14.36 -31.85 -2.80
N LYS A 146 -13.44 -32.74 -3.11
CA LYS A 146 -12.45 -33.14 -2.13
C LYS A 146 -11.05 -33.22 -2.71
N TRP A 147 -10.05 -33.00 -1.86
CA TRP A 147 -8.67 -32.99 -2.26
C TRP A 147 -7.94 -34.19 -1.71
N LYS A 148 -7.23 -34.91 -2.57
CA LYS A 148 -6.41 -36.02 -2.14
C LYS A 148 -4.96 -35.81 -2.53
N ILE A 149 -4.09 -35.80 -1.53
CA ILE A 149 -2.65 -35.75 -1.75
C ILE A 149 -2.05 -37.15 -1.59
N ASP A 150 -1.48 -37.67 -2.66
CA ASP A 150 -0.95 -39.02 -2.70
C ASP A 150 -2.01 -40.02 -2.32
N GLY A 151 -3.23 -39.78 -2.79
CA GLY A 151 -4.34 -40.69 -2.56
C GLY A 151 -4.95 -40.59 -1.17
N SER A 152 -4.40 -39.71 -0.35
CA SER A 152 -4.90 -39.51 1.01
C SER A 152 -5.70 -38.21 1.09
N GLU A 153 -6.96 -38.33 1.50
CA GLU A 153 -7.86 -37.18 1.60
C GLU A 153 -7.30 -36.04 2.45
N ARG A 154 -7.55 -34.80 2.03
CA ARG A 154 -6.95 -33.63 2.68
C ARG A 154 -7.97 -32.54 3.01
N GLN A 155 -7.97 -32.09 4.27
CA GLN A 155 -8.97 -31.16 4.76
C GLN A 155 -8.50 -29.71 4.99
N ASN A 156 -7.32 -29.52 5.59
CA ASN A 156 -6.80 -28.17 5.83
C ASN A 156 -6.52 -27.37 4.56
N GLY A 157 -6.52 -26.04 4.66
CA GLY A 157 -6.06 -25.17 3.59
C GLY A 157 -6.86 -25.17 2.29
N VAL A 158 -8.05 -25.77 2.33
CA VAL A 158 -8.94 -25.79 1.18
C VAL A 158 -9.92 -24.63 1.27
N LEU A 159 -10.15 -23.96 0.14
CA LEU A 159 -10.93 -22.74 0.11
C LEU A 159 -11.77 -22.70 -1.16
N ASN A 160 -13.10 -22.68 -0.99
CA ASN A 160 -14.03 -22.74 -2.11
C ASN A 160 -14.83 -21.44 -2.30
N SER A 161 -15.35 -21.25 -3.52
CA SER A 161 -16.11 -20.06 -3.86
C SER A 161 -17.01 -20.37 -5.04
N TRP A 162 -18.32 -20.35 -4.84
CA TRP A 162 -19.28 -20.58 -5.93
C TRP A 162 -19.63 -19.23 -6.55
N THR A 163 -19.85 -19.20 -7.87
CA THR A 163 -20.46 -18.01 -8.46
C THR A 163 -21.98 -18.13 -8.37
N ASP A 164 -22.70 -17.03 -8.52
CA ASP A 164 -24.15 -17.11 -8.57
C ASP A 164 -24.56 -17.69 -9.92
N GLN A 165 -25.87 -17.87 -10.12
CA GLN A 165 -26.39 -18.42 -11.36
C GLN A 165 -25.89 -17.60 -12.51
N ASP A 166 -25.48 -18.27 -13.58
CA ASP A 166 -24.98 -17.55 -14.73
C ASP A 166 -26.15 -16.88 -15.40
N SER A 167 -25.99 -15.62 -15.77
CA SER A 167 -27.05 -14.92 -16.48
C SER A 167 -27.35 -15.53 -17.85
N LYS A 168 -26.38 -16.25 -18.43
CA LYS A 168 -26.54 -16.87 -19.75
C LYS A 168 -27.26 -18.24 -19.72
N ASP A 169 -26.71 -19.19 -18.96
CA ASP A 169 -27.24 -20.57 -18.97
C ASP A 169 -27.79 -21.05 -17.64
N SER A 170 -28.09 -20.12 -16.72
CA SER A 170 -28.51 -20.43 -15.35
C SER A 170 -27.73 -21.51 -14.60
N THR A 171 -26.46 -21.69 -14.96
CA THR A 171 -25.69 -22.77 -14.38
C THR A 171 -24.81 -22.24 -13.25
N TYR A 172 -24.27 -23.14 -12.44
CA TYR A 172 -23.38 -22.75 -11.34
C TYR A 172 -21.92 -23.12 -11.64
N SER A 173 -21.00 -22.44 -10.99
CA SER A 173 -19.60 -22.80 -11.05
C SER A 173 -19.03 -22.64 -9.68
N MET A 174 -17.96 -23.39 -9.39
CA MET A 174 -17.30 -23.27 -8.12
C MET A 174 -15.83 -23.55 -8.33
N SER A 175 -14.99 -22.92 -7.53
CA SER A 175 -13.56 -23.16 -7.58
C SER A 175 -13.08 -23.66 -6.24
N SER A 176 -12.08 -24.53 -6.25
CA SER A 176 -11.58 -25.08 -5.02
C SER A 176 -10.06 -25.02 -5.01
N THR A 177 -9.53 -24.27 -4.07
CA THR A 177 -8.10 -24.03 -4.01
C THR A 177 -7.58 -24.60 -2.74
N LEU A 178 -6.56 -25.42 -2.88
CA LEU A 178 -5.86 -25.98 -1.76
C LEU A 178 -4.51 -25.27 -1.73
N THR A 179 -4.22 -24.58 -0.62
CA THR A 179 -2.98 -23.82 -0.50
C THR A 179 -1.98 -24.51 0.43
N LEU A 180 -0.74 -24.66 -0.03
CA LEU A 180 0.30 -25.26 0.81
C LEU A 180 1.58 -24.46 0.86
N THR A 181 2.45 -24.82 1.78
CA THR A 181 3.80 -24.31 1.77
C THR A 181 4.52 -25.06 0.66
N LYS A 182 5.50 -24.40 0.04
CA LYS A 182 6.20 -25.01 -1.08
C LYS A 182 7.03 -26.21 -0.65
N ASP A 183 7.67 -26.08 0.51
CA ASP A 183 8.46 -27.16 1.09
C ASP A 183 7.62 -28.40 1.10
N GLU A 184 6.40 -28.22 1.60
CA GLU A 184 5.38 -29.25 1.71
C GLU A 184 4.89 -29.81 0.40
N TYR A 185 4.66 -28.92 -0.56
CA TYR A 185 4.19 -29.34 -1.86
C TYR A 185 5.19 -30.32 -2.48
N GLU A 186 6.48 -29.96 -2.42
CA GLU A 186 7.53 -30.78 -3.01
C GLU A 186 7.73 -32.11 -2.30
N ARG A 187 6.97 -32.35 -1.23
CA ARG A 187 7.09 -33.59 -0.47
C ARG A 187 6.27 -34.74 -1.05
N HIS A 188 5.26 -34.42 -1.85
CA HIS A 188 4.33 -35.44 -2.34
C HIS A 188 4.26 -35.45 -3.85
N ASN A 189 3.61 -36.48 -4.39
CA ASN A 189 3.68 -36.76 -5.81
C ASN A 189 2.39 -36.51 -6.58
N SER A 190 1.32 -37.20 -6.21
CA SER A 190 0.07 -37.03 -6.93
C SER A 190 -0.85 -36.05 -6.22
N TYR A 191 -1.67 -35.35 -6.99
CA TYR A 191 -2.60 -34.37 -6.44
C TYR A 191 -3.94 -34.54 -7.11
N THR A 192 -5.00 -34.57 -6.30
CA THR A 192 -6.31 -34.94 -6.84
C THR A 192 -7.47 -34.02 -6.45
N CYS A 193 -8.26 -33.68 -7.45
CA CYS A 193 -9.45 -32.86 -7.27
C CYS A 193 -10.59 -33.78 -7.61
N GLU A 194 -11.51 -34.01 -6.67
CA GLU A 194 -12.54 -35.01 -6.89
C GLU A 194 -13.91 -34.50 -6.54
N ALA A 195 -14.83 -34.60 -7.49
CA ALA A 195 -16.13 -33.96 -7.37
C ALA A 195 -17.29 -34.93 -7.52
N THR A 196 -18.26 -34.85 -6.61
CA THR A 196 -19.42 -35.73 -6.70
C THR A 196 -20.73 -34.94 -6.79
N HIS A 197 -21.48 -35.19 -7.86
CA HIS A 197 -22.65 -34.39 -8.22
C HIS A 197 -23.77 -35.34 -8.62
N LYS A 198 -25.01 -34.94 -8.40
CA LYS A 198 -26.16 -35.84 -8.63
C LYS A 198 -26.27 -36.32 -10.07
N THR A 199 -25.66 -35.59 -10.99
CA THR A 199 -25.68 -35.95 -12.40
C THR A 199 -24.99 -37.27 -12.72
N SER A 200 -24.41 -37.90 -11.71
CA SER A 200 -23.74 -39.19 -11.88
C SER A 200 -23.40 -39.81 -10.55
N THR A 201 -23.30 -41.14 -10.55
CA THR A 201 -23.00 -41.89 -9.33
C THR A 201 -21.50 -42.12 -9.21
N SER A 202 -20.76 -41.79 -10.26
CA SER A 202 -19.31 -41.84 -10.23
C SER A 202 -18.72 -40.43 -10.11
N PRO A 203 -17.98 -40.18 -9.03
CA PRO A 203 -17.29 -38.89 -8.85
C PRO A 203 -16.42 -38.56 -10.04
N ILE A 204 -16.37 -37.28 -10.44
CA ILE A 204 -15.45 -36.86 -11.49
C ILE A 204 -14.10 -36.54 -10.88
N VAL A 205 -13.06 -37.17 -11.41
CA VAL A 205 -11.72 -37.09 -10.83
C VAL A 205 -10.68 -36.43 -11.76
N LYS A 206 -9.93 -35.47 -11.22
CA LYS A 206 -8.77 -34.91 -11.92
C LYS A 206 -7.53 -35.05 -11.09
N SER A 207 -6.44 -35.45 -11.73
CA SER A 207 -5.17 -35.63 -11.05
C SER A 207 -4.01 -35.25 -11.92
N PHE A 208 -2.90 -34.96 -11.27
CA PHE A 208 -1.64 -34.79 -11.94
C PHE A 208 -0.54 -35.28 -11.00
N ASN A 209 0.63 -35.53 -11.56
CA ASN A 209 1.81 -35.82 -10.77
C ASN A 209 2.88 -34.80 -11.08
N ARG A 210 3.70 -34.49 -10.10
CA ARG A 210 4.79 -33.56 -10.29
C ARG A 210 5.92 -34.24 -11.10
N ASN A 211 6.81 -33.44 -11.68
CA ASN A 211 7.91 -33.93 -12.54
C ASN A 211 7.48 -34.79 -13.74
N VAL B 2 -32.59 11.59 -14.24
CA VAL B 2 -32.44 11.53 -12.80
C VAL B 2 -31.25 10.65 -12.37
N LYS B 3 -30.36 11.21 -11.55
CA LYS B 3 -29.17 10.50 -11.13
C LYS B 3 -28.77 10.83 -9.70
N LEU B 4 -28.33 9.81 -8.98
CA LEU B 4 -27.84 9.99 -7.62
C LEU B 4 -26.42 9.44 -7.55
N LEU B 5 -25.44 10.30 -7.27
CA LEU B 5 -24.06 9.85 -7.15
C LEU B 5 -23.42 9.99 -5.77
N GLU B 6 -23.07 8.86 -5.20
CA GLU B 6 -22.45 8.84 -3.89
C GLU B 6 -20.95 8.86 -4.04
N SER B 7 -20.28 9.35 -3.00
CA SER B 7 -18.83 9.35 -2.98
C SER B 7 -18.37 9.69 -1.58
N GLY B 8 -17.07 9.49 -1.34
CA GLY B 8 -16.47 9.80 -0.07
C GLY B 8 -16.12 8.60 0.78
N GLY B 9 -16.22 7.42 0.21
CA GLY B 9 -16.00 6.21 0.99
C GLY B 9 -14.64 5.60 0.77
N GLY B 10 -14.33 4.54 1.50
CA GLY B 10 -13.03 3.91 1.40
C GLY B 10 -12.61 3.28 2.71
N LEU B 11 -11.31 3.04 2.88
CA LEU B 11 -10.84 2.36 4.09
C LEU B 11 -10.81 3.31 5.29
N VAL B 12 -11.38 2.87 6.41
CA VAL B 12 -11.41 3.67 7.63
C VAL B 12 -11.03 2.79 8.81
N GLN B 13 -10.22 3.32 9.71
CA GLN B 13 -9.87 2.62 10.93
C GLN B 13 -11.07 2.66 11.84
N PRO B 14 -11.38 1.54 12.52
CA PRO B 14 -12.46 1.51 13.51
C PRO B 14 -12.24 2.60 14.56
N GLY B 15 -13.32 3.21 15.04
CA GLY B 15 -13.23 4.39 15.87
C GLY B 15 -13.14 5.69 15.08
N GLY B 16 -12.87 5.57 13.77
CA GLY B 16 -12.63 6.72 12.91
C GLY B 16 -13.88 7.46 12.46
N SER B 17 -13.69 8.51 11.67
CA SER B 17 -14.78 9.31 11.12
C SER B 17 -14.67 9.42 9.59
N LEU B 18 -15.80 9.70 8.94
CA LEU B 18 -15.83 9.76 7.49
C LEU B 18 -17.09 10.50 7.05
N LYS B 19 -17.17 10.88 5.78
CA LYS B 19 -18.26 11.70 5.27
C LYS B 19 -18.61 11.25 3.87
N LEU B 20 -19.83 10.81 3.66
CA LEU B 20 -20.31 10.49 2.33
C LEU B 20 -21.06 11.67 1.76
N SER B 21 -20.99 11.87 0.44
CA SER B 21 -21.85 12.85 -0.22
C SER B 21 -22.65 12.16 -1.29
N CYS B 22 -23.88 12.63 -1.52
CA CYS B 22 -24.71 12.12 -2.61
C CYS B 22 -25.14 13.30 -3.45
N ALA B 23 -24.72 13.30 -4.70
CA ALA B 23 -25.00 14.40 -5.63
C ALA B 23 -26.18 14.06 -6.51
N ALA B 24 -27.18 14.91 -6.45
CA ALA B 24 -28.42 14.65 -7.15
C ALA B 24 -28.56 15.62 -8.32
N SER B 25 -29.00 15.10 -9.45
CA SER B 25 -29.32 15.95 -10.59
C SER B 25 -30.40 15.24 -11.37
N GLY B 26 -31.04 15.97 -12.28
CA GLY B 26 -32.07 15.41 -13.11
C GLY B 26 -33.44 15.75 -12.58
N PHE B 27 -33.49 16.26 -11.35
CA PHE B 27 -34.74 16.64 -10.70
C PHE B 27 -34.53 17.83 -9.76
N ASP B 28 -35.63 18.35 -9.25
CA ASP B 28 -35.60 19.47 -8.31
C ASP B 28 -35.31 18.93 -6.92
N PHE B 29 -34.02 18.87 -6.56
CA PHE B 29 -33.57 18.30 -5.30
C PHE B 29 -34.16 18.99 -4.08
N SER B 30 -34.51 20.27 -4.22
CA SER B 30 -34.97 21.04 -3.08
C SER B 30 -36.37 20.63 -2.68
N ARG B 31 -36.86 19.57 -3.29
CA ARG B 31 -38.24 19.23 -3.05
C ARG B 31 -38.51 17.86 -2.49
N TYR B 32 -37.46 17.09 -2.32
CA TYR B 32 -37.66 15.70 -1.99
C TYR B 32 -37.05 15.35 -0.66
N TRP B 33 -37.77 14.51 0.06
CA TRP B 33 -37.19 13.83 1.20
C TRP B 33 -36.20 12.84 0.64
N MET B 34 -35.04 12.76 1.28
CA MET B 34 -33.97 11.91 0.83
C MET B 34 -33.64 10.90 1.91
N SER B 35 -33.10 9.75 1.54
CA SER B 35 -32.80 8.69 2.50
C SER B 35 -31.45 8.03 2.24
N TRP B 36 -30.87 7.47 3.29
CA TRP B 36 -29.69 6.61 3.19
C TRP B 36 -30.07 5.19 3.61
N VAL B 37 -29.68 4.21 2.80
CA VAL B 37 -29.85 2.81 3.15
C VAL B 37 -28.47 2.17 3.01
N ARG B 38 -28.17 1.16 3.82
CA ARG B 38 -26.86 0.53 3.71
C ARG B 38 -27.03 -0.97 3.58
N GLN B 39 -26.06 -1.60 2.94
CA GLN B 39 -26.07 -3.05 2.80
C GLN B 39 -24.69 -3.63 3.06
N ALA B 40 -24.58 -4.41 4.14
CA ALA B 40 -23.35 -5.11 4.46
C ALA B 40 -23.12 -6.13 3.37
N PRO B 41 -21.86 -6.55 3.16
CA PRO B 41 -21.54 -7.60 2.19
C PRO B 41 -22.21 -8.93 2.51
N GLY B 42 -23.04 -9.41 1.59
CA GLY B 42 -23.67 -10.70 1.74
C GLY B 42 -24.83 -10.60 2.68
N LYS B 43 -25.32 -9.38 2.87
CA LYS B 43 -26.38 -9.13 3.83
C LYS B 43 -27.52 -8.27 3.29
N GLY B 44 -28.62 -8.18 4.02
CA GLY B 44 -29.78 -7.45 3.54
C GLY B 44 -29.67 -5.93 3.59
N LEU B 45 -30.74 -5.26 3.19
CA LEU B 45 -30.84 -3.80 3.28
C LEU B 45 -31.14 -3.37 4.70
N GLU B 46 -30.41 -2.37 5.19
CA GLU B 46 -30.74 -1.75 6.49
C GLU B 46 -30.97 -0.24 6.37
N TRP B 47 -32.22 0.18 6.57
CA TRP B 47 -32.60 1.60 6.57
C TRP B 47 -31.78 2.44 7.55
N ILE B 48 -31.15 3.51 7.06
CA ILE B 48 -30.35 4.34 7.96
C ILE B 48 -31.17 5.47 8.54
N GLY B 49 -31.61 6.37 7.68
CA GLY B 49 -32.32 7.56 8.12
C GLY B 49 -33.04 8.23 6.99
N GLN B 50 -33.55 9.42 7.24
CA GLN B 50 -34.46 10.10 6.32
C GLN B 50 -34.44 11.57 6.67
N ILE B 51 -34.53 12.44 5.68
CA ILE B 51 -34.49 13.87 5.95
C ILE B 51 -35.39 14.62 4.98
N ASN B 52 -36.06 15.66 5.47
CA ASN B 52 -36.96 16.44 4.63
C ASN B 52 -36.25 17.62 3.94
N PRO B 53 -36.91 18.26 2.95
CA PRO B 53 -36.34 19.40 2.22
C PRO B 53 -35.82 20.59 3.07
N HIS B 54 -36.34 20.78 4.28
CA HIS B 54 -35.89 21.90 5.12
C HIS B 54 -34.97 21.48 6.27
N SER B 55 -34.63 20.20 6.34
CA SER B 55 -33.82 19.65 7.41
C SER B 55 -34.45 19.87 8.80
N SER B 56 -35.77 19.90 8.86
CA SER B 56 -36.46 20.19 10.12
C SER B 56 -36.98 18.92 10.74
N THR B 57 -37.07 17.86 9.96
CA THR B 57 -37.39 16.54 10.50
C THR B 57 -36.51 15.45 9.88
N ILE B 58 -35.65 14.90 10.73
CA ILE B 58 -34.71 13.88 10.33
C ILE B 58 -34.94 12.70 11.22
N ASN B 59 -35.12 11.51 10.64
CA ASN B 59 -35.32 10.29 11.39
C ASN B 59 -34.19 9.28 11.23
N TYR B 60 -33.86 8.54 12.29
CA TYR B 60 -32.81 7.51 12.22
C TYR B 60 -33.31 6.18 12.72
N THR B 61 -32.61 5.11 12.36
CA THR B 61 -32.67 3.85 13.10
C THR B 61 -32.08 4.19 14.45
N PRO B 62 -32.70 3.71 15.55
CA PRO B 62 -32.27 4.12 16.89
C PRO B 62 -30.79 3.91 17.14
N SER B 63 -30.26 2.71 16.88
CA SER B 63 -28.82 2.48 16.95
C SER B 63 -28.21 3.40 15.94
N LEU B 64 -26.95 3.79 16.09
CA LEU B 64 -26.32 4.72 15.14
C LEU B 64 -27.00 6.11 15.00
N ARG B 65 -27.96 6.42 15.86
CA ARG B 65 -28.59 7.75 15.79
C ARG B 65 -27.68 8.85 16.33
N ASP B 66 -26.71 8.46 17.16
CA ASP B 66 -25.82 9.45 17.78
C ASP B 66 -24.47 9.50 17.07
N LYS B 67 -24.20 8.48 16.27
CA LYS B 67 -22.90 8.36 15.60
C LYS B 67 -23.00 8.65 14.09
N PHE B 68 -24.22 8.65 13.56
CA PHE B 68 -24.47 9.11 12.20
C PHE B 68 -25.30 10.39 12.22
N ILE B 69 -24.96 11.32 11.35
CA ILE B 69 -25.67 12.60 11.24
C ILE B 69 -26.01 12.85 9.77
N ILE B 70 -27.27 13.13 9.48
CA ILE B 70 -27.68 13.36 8.09
C ILE B 70 -27.92 14.86 7.87
N SER B 71 -27.59 15.32 6.67
CA SER B 71 -27.71 16.73 6.36
C SER B 71 -27.84 16.89 4.87
N ARG B 72 -28.42 17.99 4.42
CA ARG B 72 -28.48 18.31 3.01
C ARG B 72 -28.10 19.76 2.72
N ASP B 73 -27.80 20.05 1.46
CA ASP B 73 -27.42 21.39 1.03
C ASP B 73 -28.09 21.62 -0.32
N ASN B 74 -29.35 22.07 -0.30
CA ASN B 74 -30.16 22.17 -1.52
C ASN B 74 -29.58 23.13 -2.56
N ALA B 75 -28.76 24.08 -2.11
CA ALA B 75 -28.06 24.97 -3.02
C ALA B 75 -27.06 24.18 -3.85
N LYS B 76 -26.42 23.20 -3.21
CA LYS B 76 -25.38 22.41 -3.85
C LYS B 76 -25.92 21.09 -4.35
N ASN B 77 -27.21 20.87 -4.19
CA ASN B 77 -27.86 19.63 -4.64
C ASN B 77 -27.24 18.34 -4.10
N THR B 78 -26.60 18.42 -2.94
CA THR B 78 -26.02 17.22 -2.35
C THR B 78 -26.60 16.89 -0.97
N LEU B 79 -26.66 15.59 -0.69
CA LEU B 79 -27.06 15.08 0.60
C LEU B 79 -25.79 14.49 1.21
N TYR B 80 -25.71 14.49 2.53
CA TYR B 80 -24.52 13.99 3.19
C TYR B 80 -24.84 12.92 4.22
N LEU B 81 -23.81 12.21 4.65
CA LEU B 81 -23.90 11.33 5.80
C LEU B 81 -22.63 11.50 6.64
N GLN B 82 -22.76 12.07 7.85
CA GLN B 82 -21.65 12.04 8.79
C GLN B 82 -21.57 10.66 9.41
N MET B 83 -20.41 10.01 9.27
CA MET B 83 -20.13 8.76 9.95
C MET B 83 -19.03 9.02 10.98
N THR B 84 -19.33 8.81 12.25
CA THR B 84 -18.31 8.87 13.30
C THR B 84 -18.44 7.65 14.22
N LYS B 85 -17.35 7.33 14.91
CA LYS B 85 -17.30 6.16 15.80
C LYS B 85 -17.55 4.86 15.03
N VAL B 86 -17.10 4.79 13.78
CA VAL B 86 -17.37 3.62 12.96
C VAL B 86 -16.75 2.37 13.57
N ARG B 87 -17.43 1.25 13.40
CA ARG B 87 -16.94 -0.04 13.85
C ARG B 87 -17.07 -1.05 12.72
N SER B 88 -16.61 -2.26 12.97
CA SER B 88 -16.55 -3.27 11.94
C SER B 88 -17.89 -3.49 11.27
N GLU B 89 -18.96 -3.49 12.07
CA GLU B 89 -20.30 -3.79 11.55
C GLU B 89 -20.87 -2.62 10.74
N ASP B 90 -20.12 -1.52 10.69
CA ASP B 90 -20.51 -0.38 9.86
C ASP B 90 -19.98 -0.55 8.43
N THR B 91 -19.15 -1.57 8.24
CA THR B 91 -18.69 -1.94 6.90
C THR B 91 -19.88 -2.29 6.01
N ALA B 92 -20.18 -1.46 5.03
CA ALA B 92 -21.31 -1.72 4.16
C ALA B 92 -21.25 -0.85 2.92
N LEU B 93 -22.09 -1.17 1.94
CA LEU B 93 -22.27 -0.29 0.80
C LEU B 93 -23.37 0.68 1.17
N TYR B 94 -23.12 1.97 0.93
CA TYR B 94 -24.02 3.01 1.38
C TYR B 94 -24.77 3.65 0.23
N TYR B 95 -26.09 3.42 0.21
CA TYR B 95 -26.95 3.93 -0.84
C TYR B 95 -27.62 5.23 -0.41
N CYS B 96 -27.70 6.19 -1.34
CA CYS B 96 -28.62 7.31 -1.17
C CYS B 96 -29.80 7.09 -2.10
N ALA B 97 -30.97 7.50 -1.64
CA ALA B 97 -32.20 7.23 -2.35
C ALA B 97 -33.19 8.37 -2.18
N ARG B 98 -34.18 8.42 -3.09
CA ARG B 98 -35.16 9.49 -3.11
C ARG B 98 -36.50 8.97 -2.65
N LEU B 99 -37.01 9.54 -1.57
CA LEU B 99 -38.36 9.21 -1.12
C LEU B 99 -39.34 9.89 -2.05
N LEU B 100 -40.13 9.10 -2.76
CA LEU B 100 -41.02 9.63 -3.81
C LEU B 100 -42.02 10.61 -3.18
N ARG B 101 -42.27 11.74 -3.89
CA ARG B 101 -42.72 13.05 -3.36
C ARG B 101 -42.42 13.25 -1.87
N TYR B 102 -43.47 13.26 -1.04
CA TYR B 102 -43.32 13.03 0.41
C TYR B 102 -43.80 11.65 0.75
N PHE B 103 -45.04 11.31 0.40
CA PHE B 103 -45.46 9.98 0.84
C PHE B 103 -45.04 8.68 0.08
N TYR B 104 -44.56 7.74 0.88
CA TYR B 104 -44.18 6.36 0.58
C TYR B 104 -42.81 5.93 0.01
N ALA B 105 -42.56 6.05 -1.29
CA ALA B 105 -41.63 5.14 -1.98
C ALA B 105 -40.21 5.56 -2.30
N LEU B 106 -39.24 4.68 -2.02
CA LEU B 106 -37.85 4.98 -2.37
C LEU B 106 -37.62 4.65 -3.85
N ASP B 107 -37.85 5.62 -4.72
CA ASP B 107 -37.99 5.30 -6.14
C ASP B 107 -36.69 5.31 -6.96
N TYR B 108 -35.72 6.13 -6.57
CA TYR B 108 -34.42 6.14 -7.25
C TYR B 108 -33.26 5.89 -6.27
N TRP B 109 -32.28 5.12 -6.74
CA TRP B 109 -31.13 4.79 -5.91
C TRP B 109 -29.84 5.07 -6.67
N GLY B 110 -28.81 5.53 -5.96
CA GLY B 110 -27.48 5.59 -6.54
C GLY B 110 -26.87 4.20 -6.62
N GLN B 111 -25.57 4.08 -6.85
CA GLN B 111 -24.90 2.78 -6.86
C GLN B 111 -24.30 2.40 -5.53
N GLY B 112 -24.18 3.39 -4.65
CA GLY B 112 -23.56 3.13 -3.37
C GLY B 112 -22.13 3.63 -3.28
N ALA B 113 -21.71 3.95 -2.06
CA ALA B 113 -20.34 4.28 -1.77
C ALA B 113 -19.84 3.27 -0.76
N SER B 114 -18.81 2.53 -1.12
CA SER B 114 -18.39 1.43 -0.28
C SER B 114 -17.50 1.89 0.85
N VAL B 115 -17.76 1.38 2.05
CA VAL B 115 -16.95 1.71 3.20
C VAL B 115 -16.48 0.42 3.86
N THR B 116 -15.17 0.30 4.02
CA THR B 116 -14.62 -0.79 4.81
C THR B 116 -14.03 -0.22 6.10
N VAL B 117 -14.55 -0.70 7.24
CA VAL B 117 -14.06 -0.26 8.53
C VAL B 117 -13.07 -1.30 9.05
N SER B 118 -11.80 -0.94 9.03
CA SER B 118 -10.75 -1.91 9.33
C SER B 118 -9.38 -1.30 9.61
N SER B 119 -8.67 -1.92 10.55
CA SER B 119 -7.31 -1.54 10.86
C SER B 119 -6.30 -2.29 10.02
N ALA B 120 -6.75 -3.37 9.41
CA ALA B 120 -5.91 -4.05 8.44
C ALA B 120 -5.45 -3.06 7.38
N LYS B 121 -4.22 -3.19 6.92
CA LYS B 121 -3.66 -2.24 5.99
C LYS B 121 -3.84 -2.66 4.53
N THR B 122 -3.94 -1.66 3.66
CA THR B 122 -4.12 -1.89 2.23
C THR B 122 -3.01 -2.79 1.66
N THR B 123 -3.43 -3.81 0.93
CA THR B 123 -2.50 -4.78 0.39
C THR B 123 -2.91 -5.16 -1.02
N PRO B 124 -2.00 -5.02 -1.98
CA PRO B 124 -2.12 -5.52 -3.36
C PRO B 124 -1.96 -7.02 -3.47
N PRO B 125 -2.63 -7.58 -4.48
CA PRO B 125 -2.67 -9.01 -4.75
C PRO B 125 -1.42 -9.51 -5.46
N SER B 126 -1.08 -10.78 -5.23
CA SER B 126 -0.15 -11.47 -6.10
C SER B 126 -1.04 -12.08 -7.16
N VAL B 127 -0.55 -12.14 -8.39
CA VAL B 127 -1.36 -12.57 -9.52
C VAL B 127 -0.67 -13.70 -10.25
N TYR B 128 -1.17 -14.93 -10.09
CA TYR B 128 -0.51 -16.05 -10.74
C TYR B 128 -1.29 -16.59 -11.90
N PRO B 129 -0.61 -16.83 -13.03
CA PRO B 129 -1.29 -17.44 -14.18
C PRO B 129 -1.45 -18.95 -13.95
N LEU B 130 -2.56 -19.51 -14.41
CA LEU B 130 -2.79 -20.93 -14.28
C LEU B 130 -2.98 -21.52 -15.66
N ALA B 131 -1.93 -22.16 -16.17
CA ALA B 131 -2.01 -22.88 -17.42
C ALA B 131 -2.31 -24.35 -17.09
N PRO B 132 -2.90 -25.09 -18.06
CA PRO B 132 -3.32 -26.48 -17.78
C PRO B 132 -2.19 -27.47 -17.43
N GLY B 133 -2.56 -28.68 -17.03
CA GLY B 133 -1.62 -29.77 -16.77
C GLY B 133 -0.66 -29.89 -17.93
N ARG B 134 0.63 -30.09 -17.65
CA ARG B 134 1.64 -30.26 -18.69
C ARG B 134 1.11 -31.44 -19.51
N ALA B 135 0.87 -31.22 -20.81
CA ALA B 135 0.24 -32.25 -21.64
C ALA B 135 -0.02 -31.75 -23.05
N ALA B 136 -0.84 -32.52 -23.76
CA ALA B 136 -1.50 -32.07 -24.98
C ALA B 136 -2.75 -32.94 -25.07
N ALA B 137 -3.90 -32.31 -24.84
CA ALA B 137 -5.16 -33.04 -24.80
C ALA B 137 -5.71 -33.21 -26.21
N ALA B 138 -6.57 -34.21 -26.39
CA ALA B 138 -7.40 -34.35 -27.58
C ALA B 138 -8.67 -33.49 -27.40
N ALA B 139 -8.66 -32.65 -26.37
CA ALA B 139 -9.72 -31.72 -26.06
C ALA B 139 -10.03 -30.73 -27.20
N SER B 140 -11.30 -30.50 -27.45
CA SER B 140 -11.73 -29.44 -28.38
C SER B 140 -11.81 -28.05 -27.70
N MET B 141 -11.82 -28.04 -26.37
CA MET B 141 -11.72 -26.78 -25.63
C MET B 141 -10.57 -26.82 -24.62
N VAL B 142 -10.08 -25.65 -24.22
CA VAL B 142 -9.04 -25.60 -23.19
C VAL B 142 -9.37 -24.53 -22.17
N THR B 143 -9.21 -24.85 -20.90
CA THR B 143 -9.59 -23.97 -19.80
C THR B 143 -8.35 -23.40 -19.14
N LEU B 144 -8.30 -22.08 -18.96
CA LEU B 144 -7.17 -21.43 -18.31
C LEU B 144 -7.69 -20.75 -17.07
N GLY B 145 -6.80 -20.44 -16.13
CA GLY B 145 -7.22 -19.77 -14.91
C GLY B 145 -6.24 -18.72 -14.46
N CYS B 146 -6.71 -17.82 -13.60
CA CYS B 146 -5.89 -16.78 -13.01
C CYS B 146 -6.16 -16.68 -11.50
N LEU B 147 -5.10 -16.61 -10.72
CA LEU B 147 -5.21 -16.64 -9.27
C LEU B 147 -4.84 -15.29 -8.68
N VAL B 148 -5.78 -14.70 -7.95
CA VAL B 148 -5.52 -13.40 -7.37
C VAL B 148 -5.52 -13.54 -5.87
N LYS B 149 -4.39 -13.31 -5.24
CA LYS B 149 -4.21 -13.79 -3.88
C LYS B 149 -3.60 -12.77 -2.91
N GLY B 150 -4.24 -12.61 -1.76
CA GLY B 150 -3.69 -11.84 -0.67
C GLY B 150 -3.82 -10.34 -0.88
N TYR B 151 -5.05 -9.86 -0.99
CA TYR B 151 -5.23 -8.43 -1.07
C TYR B 151 -6.22 -7.93 -0.01
N PHE B 152 -6.20 -6.62 0.22
CA PHE B 152 -7.14 -5.98 1.13
C PHE B 152 -7.18 -4.51 0.82
N PRO B 153 -8.37 -3.92 0.78
CA PRO B 153 -9.67 -4.59 0.87
C PRO B 153 -10.22 -4.90 -0.53
N GLU B 154 -11.46 -5.38 -0.57
CA GLU B 154 -12.19 -5.48 -1.83
C GLU B 154 -12.48 -4.05 -2.24
N PRO B 155 -12.64 -3.79 -3.54
CA PRO B 155 -12.73 -4.73 -4.66
C PRO B 155 -11.47 -4.85 -5.51
N VAL B 156 -11.54 -5.78 -6.45
CA VAL B 156 -10.49 -5.98 -7.44
C VAL B 156 -11.21 -6.14 -8.78
N THR B 157 -10.48 -6.28 -9.89
CA THR B 157 -11.12 -6.38 -11.19
C THR B 157 -10.31 -7.16 -12.19
N VAL B 158 -10.53 -8.47 -12.26
CA VAL B 158 -10.00 -9.24 -13.39
C VAL B 158 -10.75 -8.95 -14.70
N THR B 159 -10.00 -8.77 -15.78
CA THR B 159 -10.54 -8.97 -17.12
C THR B 159 -9.62 -9.94 -17.85
N TRP B 160 -9.95 -10.23 -19.11
CA TRP B 160 -9.12 -11.09 -19.94
C TRP B 160 -8.91 -10.40 -21.28
N ASN B 161 -7.66 -10.20 -21.65
CA ASN B 161 -7.33 -9.39 -22.82
C ASN B 161 -8.00 -8.02 -22.77
N SER B 162 -7.85 -7.34 -21.64
CA SER B 162 -8.41 -6.01 -21.41
C SER B 162 -9.89 -5.92 -21.77
N GLY B 163 -10.65 -6.93 -21.38
CA GLY B 163 -12.10 -6.88 -21.51
C GLY B 163 -12.59 -7.31 -22.87
N SER B 164 -11.69 -7.83 -23.68
CA SER B 164 -12.03 -8.28 -25.02
C SER B 164 -12.42 -9.76 -25.07
N LEU B 165 -12.09 -10.49 -24.01
CA LEU B 165 -12.50 -11.88 -23.88
C LEU B 165 -13.56 -11.90 -22.81
N ALA B 166 -14.82 -12.08 -23.21
CA ALA B 166 -15.91 -11.97 -22.27
C ALA B 166 -16.66 -13.31 -22.08
N ALA B 167 -17.00 -13.95 -23.18
CA ALA B 167 -17.71 -15.22 -23.13
C ALA B 167 -16.81 -16.32 -22.57
N GLY B 168 -17.36 -17.17 -21.71
CA GLY B 168 -16.62 -18.30 -21.18
C GLY B 168 -15.84 -18.00 -19.90
N VAL B 169 -16.14 -16.87 -19.29
CA VAL B 169 -15.42 -16.45 -18.11
C VAL B 169 -16.25 -16.70 -16.86
N HIS B 170 -15.62 -17.22 -15.81
CA HIS B 170 -16.25 -17.13 -14.49
C HIS B 170 -15.30 -16.42 -13.53
N THR B 171 -15.81 -15.44 -12.81
CA THR B 171 -14.99 -14.82 -11.78
C THR B 171 -15.58 -15.11 -10.41
N PHE B 172 -14.89 -15.95 -9.68
CA PHE B 172 -15.40 -16.42 -8.39
C PHE B 172 -15.32 -15.30 -7.37
N PRO B 173 -16.27 -15.28 -6.43
CA PRO B 173 -16.26 -14.20 -5.45
C PRO B 173 -15.10 -14.35 -4.46
N ALA B 174 -14.63 -13.21 -3.97
CA ALA B 174 -13.47 -13.19 -3.11
C ALA B 174 -13.80 -13.88 -1.81
N VAL B 175 -12.79 -14.39 -1.12
CA VAL B 175 -13.01 -15.01 0.17
C VAL B 175 -11.90 -14.56 1.12
N LEU B 176 -12.29 -14.27 2.37
CA LEU B 176 -11.38 -13.78 3.40
C LEU B 176 -10.54 -14.90 3.97
N GLN B 177 -9.49 -14.53 4.71
CA GLN B 177 -8.48 -15.48 5.17
C GLN B 177 -7.34 -14.72 5.84
N ALA B 178 -7.21 -14.91 7.15
CA ALA B 178 -6.34 -14.11 8.01
C ALA B 178 -6.83 -12.66 8.03
N ALA B 179 -6.43 -11.90 7.02
CA ALA B 179 -6.94 -10.54 6.84
C ALA B 179 -6.96 -10.19 5.36
N LEU B 180 -6.81 -11.21 4.51
CA LEU B 180 -6.68 -10.98 3.07
C LEU B 180 -7.65 -11.79 2.20
N TYR B 181 -7.88 -11.28 1.00
CA TYR B 181 -8.76 -11.93 0.07
C TYR B 181 -8.04 -12.76 -0.98
N THR B 182 -8.79 -13.67 -1.57
CA THR B 182 -8.29 -14.44 -2.67
C THR B 182 -9.47 -14.67 -3.60
N LEU B 183 -9.24 -14.54 -4.90
CA LEU B 183 -10.18 -15.03 -5.89
C LEU B 183 -9.45 -15.58 -7.09
N SER B 184 -10.21 -16.22 -7.97
CA SER B 184 -9.71 -16.81 -9.19
C SER B 184 -10.76 -16.60 -10.27
N SER B 185 -10.31 -16.65 -11.52
CA SER B 185 -11.19 -16.45 -12.66
C SER B 185 -10.81 -17.46 -13.73
N SER B 186 -11.73 -18.35 -14.07
CA SER B 186 -11.48 -19.30 -15.13
C SER B 186 -11.98 -18.72 -16.44
N VAL B 187 -11.32 -19.08 -17.53
CA VAL B 187 -11.85 -18.80 -18.86
C VAL B 187 -11.60 -20.01 -19.78
N THR B 188 -12.60 -20.31 -20.61
CA THR B 188 -12.51 -21.45 -21.52
C THR B 188 -12.63 -21.05 -23.01
N VAL B 189 -11.68 -21.51 -23.81
CA VAL B 189 -11.60 -21.22 -25.24
C VAL B 189 -11.30 -22.52 -26.01
N PRO B 190 -11.48 -22.51 -27.36
CA PRO B 190 -11.14 -23.74 -28.08
C PRO B 190 -9.64 -23.91 -28.16
N SER B 191 -9.21 -25.15 -28.36
CA SER B 191 -7.81 -25.48 -28.36
C SER B 191 -7.09 -24.81 -29.51
N SER B 192 -7.81 -24.62 -30.61
CA SER B 192 -7.21 -23.94 -31.75
C SER B 192 -6.74 -22.53 -31.41
N SER B 193 -7.44 -21.84 -30.52
CA SER B 193 -7.09 -20.45 -30.23
C SER B 193 -5.99 -20.28 -29.18
N TRP B 194 -5.82 -21.26 -28.29
CA TRP B 194 -4.73 -21.20 -27.30
C TRP B 194 -3.90 -22.48 -27.26
N PRO B 195 -2.56 -22.36 -27.20
CA PRO B 195 -1.75 -21.16 -26.99
C PRO B 195 -1.26 -20.41 -28.23
N SER B 196 -1.89 -20.63 -29.39
CA SER B 196 -1.45 -19.92 -30.58
C SER B 196 -1.74 -18.43 -30.48
N GLU B 197 -2.66 -18.08 -29.58
CA GLU B 197 -3.01 -16.68 -29.33
C GLU B 197 -2.87 -16.23 -27.88
N THR B 198 -2.62 -14.93 -27.71
CA THR B 198 -2.44 -14.38 -26.38
C THR B 198 -3.76 -14.38 -25.63
N VAL B 199 -3.73 -14.95 -24.44
CA VAL B 199 -4.77 -14.71 -23.48
C VAL B 199 -4.02 -14.12 -22.27
N THR B 200 -4.55 -13.03 -21.70
CA THR B 200 -3.86 -12.36 -20.60
C THR B 200 -4.81 -11.97 -19.48
N CYS B 201 -4.42 -12.31 -18.26
CA CYS B 201 -5.17 -11.96 -17.08
C CYS B 201 -4.82 -10.55 -16.64
N ASN B 202 -5.81 -9.66 -16.60
CA ASN B 202 -5.60 -8.29 -16.13
C ASN B 202 -6.20 -8.16 -14.76
N VAL B 203 -5.43 -7.70 -13.79
CA VAL B 203 -5.96 -7.53 -12.45
C VAL B 203 -5.61 -6.15 -11.93
N ALA B 204 -6.63 -5.33 -11.68
CA ALA B 204 -6.41 -4.00 -11.11
C ALA B 204 -6.97 -3.91 -9.69
N HIS B 205 -6.22 -3.28 -8.79
CA HIS B 205 -6.66 -3.11 -7.41
C HIS B 205 -6.50 -1.66 -6.99
N PRO B 206 -7.52 -0.83 -7.28
CA PRO B 206 -7.52 0.62 -7.07
C PRO B 206 -7.03 1.06 -5.68
N ALA B 207 -7.41 0.34 -4.63
CA ALA B 207 -7.01 0.70 -3.27
C ALA B 207 -5.49 0.73 -3.12
N SER B 208 -4.76 -0.10 -3.86
CA SER B 208 -3.30 -0.03 -3.84
C SER B 208 -2.75 0.51 -5.15
N SER B 209 -3.64 1.08 -5.98
CA SER B 209 -3.28 1.64 -7.27
C SER B 209 -2.35 0.75 -8.09
N THR B 210 -2.51 -0.56 -7.91
CA THR B 210 -1.80 -1.57 -8.68
C THR B 210 -2.66 -2.07 -9.84
N LYS B 211 -1.99 -2.40 -10.94
CA LYS B 211 -2.64 -2.98 -12.09
C LYS B 211 -1.59 -3.82 -12.83
N VAL B 212 -1.80 -5.12 -12.85
CA VAL B 212 -0.81 -6.05 -13.39
C VAL B 212 -1.40 -7.03 -14.40
N ASP B 213 -0.62 -7.37 -15.40
CA ASP B 213 -1.06 -8.26 -16.44
C ASP B 213 -0.24 -9.54 -16.33
N LYS B 214 -0.88 -10.69 -16.56
CA LYS B 214 -0.19 -11.96 -16.52
C LYS B 214 -0.57 -12.80 -17.70
N LYS B 215 0.30 -12.84 -18.69
CA LYS B 215 0.09 -13.69 -19.86
C LYS B 215 0.05 -15.17 -19.41
N ILE B 216 -0.81 -15.98 -20.02
CA ILE B 216 -0.85 -17.39 -19.70
C ILE B 216 -0.01 -18.21 -20.68
N VAL B 217 1.28 -18.38 -20.38
CA VAL B 217 2.13 -19.23 -21.21
C VAL B 217 2.06 -20.68 -20.72
N PRO B 218 2.25 -21.63 -21.66
CA PRO B 218 2.29 -23.07 -21.37
C PRO B 218 3.46 -23.46 -20.46
N ARG B 219 3.32 -24.51 -19.66
CA ARG B 219 4.41 -24.95 -18.76
C ARG B 219 5.66 -25.45 -19.49
N ALA B 220 6.65 -25.99 -18.76
CA ALA B 220 8.01 -26.12 -19.34
C ALA B 220 8.94 -27.33 -19.01
N ALA B 221 9.35 -27.47 -17.75
CA ALA B 221 10.28 -28.56 -17.37
C ALA B 221 10.50 -28.71 -15.86
N GLN C 1 36.19 -1.42 -17.37
CA GLN C 1 35.16 -1.06 -16.40
C GLN C 1 33.74 -1.12 -16.97
N ILE C 2 33.16 -2.31 -16.95
CA ILE C 2 31.75 -2.53 -17.28
C ILE C 2 30.86 -1.56 -16.52
N VAL C 3 29.98 -0.86 -17.23
CA VAL C 3 29.07 0.12 -16.58
C VAL C 3 27.64 -0.38 -16.32
N LEU C 4 27.24 -0.31 -15.05
CA LEU C 4 25.96 -0.87 -14.61
C LEU C 4 24.90 0.20 -14.43
N THR C 5 23.75 -0.03 -15.07
CA THR C 5 22.66 0.92 -15.06
C THR C 5 21.44 0.26 -14.42
N GLN C 6 20.95 0.83 -13.33
CA GLN C 6 19.81 0.23 -12.66
C GLN C 6 18.51 0.90 -13.03
N SER C 7 17.43 0.13 -12.96
CA SER C 7 16.12 0.59 -13.41
C SER C 7 15.04 -0.10 -12.58
N PRO C 8 14.07 0.66 -12.07
CA PRO C 8 14.02 2.13 -12.03
C PRO C 8 14.99 2.67 -10.98
N ALA C 9 15.06 3.98 -10.83
CA ALA C 9 16.05 4.58 -9.96
C ALA C 9 15.43 4.74 -8.59
N ILE C 10 14.12 4.98 -8.62
CA ILE C 10 13.35 5.19 -7.43
C ILE C 10 11.96 4.68 -7.72
N MET C 11 11.32 4.13 -6.71
CA MET C 11 10.02 3.51 -6.89
C MET C 11 9.38 3.25 -5.54
N SER C 12 8.09 3.57 -5.46
CA SER C 12 7.33 3.25 -4.27
C SER C 12 6.50 2.01 -4.59
N ALA C 13 6.32 1.14 -3.60
CA ALA C 13 5.49 -0.05 -3.79
C ALA C 13 4.62 -0.31 -2.57
N SER C 14 3.40 -0.77 -2.82
CA SER C 14 2.45 -1.02 -1.75
C SER C 14 2.86 -2.31 -1.05
N PRO C 15 2.40 -2.51 0.21
CA PRO C 15 2.77 -3.79 0.82
C PRO C 15 2.07 -4.91 0.09
N GLY C 16 2.80 -5.93 -0.36
CA GLY C 16 2.17 -7.05 -1.02
C GLY C 16 2.38 -6.94 -2.51
N GLU C 17 2.93 -5.82 -2.96
CA GLU C 17 3.21 -5.62 -4.38
C GLU C 17 4.47 -6.37 -4.83
N LYS C 18 4.41 -6.91 -6.04
CA LYS C 18 5.58 -7.50 -6.64
C LYS C 18 6.49 -6.38 -7.11
N VAL C 19 7.77 -6.46 -6.74
CA VAL C 19 8.76 -5.46 -7.11
C VAL C 19 9.89 -6.09 -7.91
N THR C 20 10.24 -5.49 -9.05
CA THR C 20 11.39 -5.97 -9.82
C THR C 20 12.35 -4.82 -10.13
N ILE C 21 13.63 -5.02 -9.80
CA ILE C 21 14.69 -4.05 -10.07
C ILE C 21 15.64 -4.62 -11.13
N THR C 22 15.94 -3.85 -12.19
CA THR C 22 16.81 -4.34 -13.27
C THR C 22 18.21 -3.75 -13.19
N CYS C 23 19.21 -4.57 -13.48
CA CYS C 23 20.58 -4.13 -13.60
C CYS C 23 21.05 -4.45 -15.01
N SER C 24 21.42 -3.42 -15.76
CA SER C 24 21.99 -3.61 -17.09
C SER C 24 23.50 -3.38 -17.10
N ALA C 25 24.21 -4.19 -17.89
CA ALA C 25 25.66 -4.06 -18.04
C ALA C 25 26.01 -3.65 -19.46
N SER C 26 26.96 -2.72 -19.57
CA SER C 26 27.48 -2.29 -20.86
C SER C 26 28.10 -3.43 -21.66
N SER C 27 28.61 -4.44 -20.95
CA SER C 27 29.15 -5.65 -21.58
C SER C 27 28.83 -6.85 -20.71
N SER C 28 28.83 -8.04 -21.29
CA SER C 28 28.37 -9.24 -20.60
C SER C 28 29.14 -9.58 -19.34
N VAL C 29 28.42 -10.03 -18.31
CA VAL C 29 29.02 -10.48 -17.05
C VAL C 29 28.42 -11.83 -16.70
N SER C 30 29.09 -12.58 -15.83
CA SER C 30 28.75 -13.99 -15.59
C SER C 30 27.89 -14.19 -14.36
N TYR C 31 27.93 -13.21 -13.47
CA TYR C 31 27.11 -13.20 -12.26
C TYR C 31 26.74 -11.77 -11.91
N MET C 32 25.69 -11.60 -11.13
CA MET C 32 25.43 -10.30 -10.55
C MET C 32 25.27 -10.51 -9.05
N HIS C 33 25.72 -9.52 -8.28
CA HIS C 33 25.53 -9.51 -6.84
C HIS C 33 24.60 -8.35 -6.48
N TRP C 34 23.96 -8.44 -5.32
CA TRP C 34 23.06 -7.41 -4.84
C TRP C 34 23.29 -7.12 -3.37
N PHE C 35 23.29 -5.82 -3.03
CA PHE C 35 23.50 -5.33 -1.68
C PHE C 35 22.37 -4.43 -1.23
N GLN C 36 21.98 -4.54 0.03
CA GLN C 36 20.94 -3.69 0.58
C GLN C 36 21.54 -2.63 1.49
N GLN C 37 21.11 -1.40 1.32
CA GLN C 37 21.51 -0.35 2.24
C GLN C 37 20.34 0.48 2.79
N LYS C 38 20.31 0.60 4.11
CA LYS C 38 19.39 1.50 4.76
C LYS C 38 20.21 2.64 5.35
N PRO C 39 19.64 3.85 5.37
CA PRO C 39 20.35 5.04 5.84
C PRO C 39 20.99 4.81 7.21
N GLY C 40 22.25 5.24 7.35
CA GLY C 40 22.98 5.12 8.60
C GLY C 40 23.88 3.91 8.72
N THR C 41 23.58 2.84 8.00
CA THR C 41 24.36 1.62 8.16
C THR C 41 25.01 1.24 6.86
N SER C 42 26.05 0.39 6.97
CA SER C 42 26.83 -0.06 5.83
C SER C 42 26.04 -1.05 5.02
N PRO C 43 26.32 -1.10 3.70
CA PRO C 43 25.73 -2.06 2.77
C PRO C 43 25.82 -3.47 3.30
N LYS C 44 24.75 -4.21 3.08
CA LYS C 44 24.66 -5.57 3.52
C LYS C 44 24.56 -6.47 2.29
N LEU C 45 25.34 -7.54 2.26
CA LEU C 45 25.27 -8.51 1.16
C LEU C 45 23.88 -9.13 1.16
N TRP C 46 23.22 -9.09 0.01
CA TRP C 46 21.85 -9.58 -0.07
C TRP C 46 21.74 -10.88 -0.89
N ILE C 47 22.25 -10.83 -2.11
CA ILE C 47 22.26 -11.96 -3.04
C ILE C 47 23.63 -12.02 -3.70
N TYR C 48 24.28 -13.17 -3.65
CA TYR C 48 25.56 -13.36 -4.33
C TYR C 48 25.42 -14.43 -5.42
N SER C 49 26.30 -14.38 -6.42
CA SER C 49 26.25 -15.32 -7.54
C SER C 49 24.84 -15.43 -8.14
N THR C 50 24.27 -14.27 -8.48
CA THR C 50 23.01 -14.20 -9.23
C THR C 50 21.72 -14.56 -8.46
N SER C 51 21.62 -15.75 -7.90
CA SER C 51 20.34 -16.13 -7.30
C SER C 51 20.43 -16.76 -5.91
N ASN C 52 21.56 -16.56 -5.23
CA ASN C 52 21.73 -17.11 -3.88
C ASN C 52 21.49 -16.04 -2.84
N LEU C 53 20.54 -16.27 -1.92
CA LEU C 53 20.28 -15.30 -0.86
C LEU C 53 21.35 -15.40 0.23
N ALA C 54 21.83 -14.25 0.68
CA ALA C 54 22.81 -14.21 1.76
C ALA C 54 22.14 -14.65 3.04
N SER C 55 22.95 -14.84 4.08
CA SER C 55 22.47 -15.30 5.38
C SER C 55 21.50 -14.30 6.00
N GLY C 56 20.29 -14.74 6.32
CA GLY C 56 19.32 -13.88 6.97
C GLY C 56 18.29 -13.30 6.03
N VAL C 57 18.57 -13.33 4.73
CA VAL C 57 17.67 -12.75 3.75
C VAL C 57 16.41 -13.62 3.60
N PRO C 58 15.23 -13.02 3.76
CA PRO C 58 13.97 -13.77 3.74
C PRO C 58 13.63 -14.26 2.33
N ALA C 59 12.73 -15.25 2.25
CA ALA C 59 12.53 -15.99 1.00
C ALA C 59 11.85 -15.21 -0.12
N ARG C 60 11.09 -14.16 0.21
CA ARG C 60 10.41 -13.40 -0.83
C ARG C 60 11.39 -12.75 -1.81
N PHE C 61 12.68 -12.94 -1.58
CA PHE C 61 13.70 -12.40 -2.46
C PHE C 61 14.19 -13.44 -3.45
N SER C 62 14.66 -12.97 -4.59
CA SER C 62 15.26 -13.84 -5.60
C SER C 62 16.05 -13.00 -6.61
N GLY C 63 16.95 -13.63 -7.33
CA GLY C 63 17.67 -12.95 -8.38
C GLY C 63 17.79 -13.86 -9.59
N SER C 64 18.04 -13.26 -10.74
CA SER C 64 18.27 -14.01 -11.98
C SER C 64 18.86 -13.07 -12.99
N GLY C 65 19.01 -13.55 -14.22
CA GLY C 65 19.67 -12.78 -15.25
C GLY C 65 20.72 -13.64 -15.93
N SER C 66 21.46 -13.00 -16.83
CA SER C 66 22.56 -13.58 -17.61
C SER C 66 23.02 -12.49 -18.58
N GLY C 67 24.25 -12.60 -19.06
CA GLY C 67 24.72 -11.68 -20.07
C GLY C 67 24.81 -10.23 -19.65
N THR C 68 23.92 -9.39 -20.15
CA THR C 68 23.95 -7.97 -19.79
C THR C 68 22.69 -7.49 -19.09
N SER C 69 21.90 -8.41 -18.55
CA SER C 69 20.69 -8.01 -17.88
C SER C 69 20.30 -8.92 -16.73
N TYR C 70 20.46 -8.41 -15.51
CA TYR C 70 20.07 -9.18 -14.33
C TYR C 70 18.98 -8.43 -13.55
N SER C 71 18.35 -9.12 -12.60
CA SER C 71 17.26 -8.52 -11.83
C SER C 71 17.15 -9.08 -10.42
N LEU C 72 16.47 -8.31 -9.56
CA LEU C 72 16.19 -8.71 -8.20
C LEU C 72 14.68 -8.59 -8.06
N THR C 73 14.06 -9.54 -7.38
CA THR C 73 12.62 -9.55 -7.33
C THR C 73 12.14 -9.78 -5.91
N ILE C 74 11.33 -8.84 -5.42
CA ILE C 74 10.56 -9.03 -4.21
C ILE C 74 9.15 -9.46 -4.59
N SER C 75 8.76 -10.66 -4.20
CA SER C 75 7.47 -11.18 -4.58
C SER C 75 6.36 -10.32 -3.98
N ARG C 76 6.52 -9.99 -2.71
CA ARG C 76 5.51 -9.22 -1.97
C ARG C 76 6.21 -8.19 -1.12
N MET C 77 6.16 -6.95 -1.59
CA MET C 77 6.78 -5.81 -0.90
C MET C 77 6.38 -5.74 0.56
N GLU C 78 7.36 -5.48 1.43
CA GLU C 78 7.11 -5.36 2.85
C GLU C 78 7.83 -4.16 3.37
N ALA C 79 7.28 -3.54 4.40
CA ALA C 79 7.83 -2.30 4.92
C ALA C 79 9.32 -2.41 5.19
N GLU C 80 9.75 -3.57 5.69
CA GLU C 80 11.14 -3.71 6.08
C GLU C 80 12.06 -3.87 4.86
N ASP C 81 11.48 -4.00 3.67
CA ASP C 81 12.26 -4.14 2.42
C ASP C 81 12.59 -2.79 1.80
N ALA C 82 12.06 -1.73 2.39
CA ALA C 82 12.29 -0.39 1.90
C ALA C 82 13.72 0.05 2.18
N ALA C 83 14.50 0.22 1.12
CA ALA C 83 15.91 0.58 1.25
C ALA C 83 16.46 0.95 -0.12
N THR C 84 17.79 1.03 -0.22
CA THR C 84 18.39 1.17 -1.53
C THR C 84 19.17 -0.08 -1.90
N TYR C 85 18.94 -0.55 -3.12
CA TYR C 85 19.56 -1.78 -3.58
C TYR C 85 20.57 -1.45 -4.65
N TYR C 86 21.79 -1.96 -4.48
CA TYR C 86 22.86 -1.85 -5.48
C TYR C 86 23.16 -3.22 -6.10
N CYS C 87 23.36 -3.23 -7.42
CA CYS C 87 23.94 -4.40 -8.06
C CYS C 87 25.46 -4.25 -8.18
N GLN C 88 26.17 -5.38 -8.23
CA GLN C 88 27.63 -5.37 -8.35
C GLN C 88 28.07 -6.49 -9.25
N GLN C 89 29.01 -6.23 -10.14
CA GLN C 89 29.57 -7.31 -10.95
C GLN C 89 30.98 -7.63 -10.48
N ARG C 90 31.34 -8.91 -10.61
CA ARG C 90 32.68 -9.36 -10.25
C ARG C 90 33.23 -10.31 -11.29
N SER C 91 32.94 -10.05 -12.55
CA SER C 91 33.47 -10.85 -13.64
C SER C 91 34.60 -10.19 -14.45
N SER C 92 35.00 -8.99 -14.08
CA SER C 92 36.10 -8.28 -14.75
C SER C 92 36.51 -7.06 -13.98
N TYR C 93 37.82 -6.85 -13.83
CA TYR C 93 38.32 -5.69 -13.09
C TYR C 93 38.22 -4.47 -13.98
N PRO C 94 37.97 -3.29 -13.38
CA PRO C 94 37.66 -3.14 -11.96
C PRO C 94 36.20 -3.54 -11.66
N PHE C 95 35.95 -3.99 -10.45
CA PHE C 95 34.59 -4.35 -10.05
C PHE C 95 33.82 -3.06 -9.96
N THR C 96 32.56 -3.11 -10.36
CA THR C 96 31.75 -1.90 -10.44
C THR C 96 30.39 -2.06 -9.80
N PHE C 97 29.80 -0.95 -9.40
CA PHE C 97 28.49 -0.95 -8.78
C PHE C 97 27.45 -0.28 -9.67
N GLY C 98 26.19 -0.67 -9.53
CA GLY C 98 25.10 0.04 -10.17
C GLY C 98 24.90 1.33 -9.42
N GLY C 99 24.08 2.23 -9.97
CA GLY C 99 23.81 3.50 -9.30
C GLY C 99 22.89 3.39 -8.11
N GLY C 100 22.23 2.25 -7.97
CA GLY C 100 21.35 2.05 -6.84
C GLY C 100 19.91 2.29 -7.23
N THR C 101 19.00 1.60 -6.54
CA THR C 101 17.57 1.83 -6.68
C THR C 101 16.97 2.05 -5.30
N LYS C 102 16.35 3.20 -5.08
CA LYS C 102 15.72 3.44 -3.78
C LYS C 102 14.31 2.92 -3.84
N LEU C 103 13.95 2.11 -2.86
CA LEU C 103 12.65 1.49 -2.82
C LEU C 103 11.88 1.96 -1.58
N GLU C 104 10.72 2.54 -1.83
CA GLU C 104 9.89 3.05 -0.74
C GLU C 104 8.54 2.36 -0.67
N ILE C 105 7.95 2.37 0.52
CA ILE C 105 6.70 1.66 0.76
C ILE C 105 5.53 2.64 0.74
N LYS C 106 4.42 2.24 0.10
CA LYS C 106 3.26 3.10 0.00
C LYS C 106 2.39 3.03 1.22
N ARG C 107 1.59 4.09 1.34
CA ARG C 107 0.60 4.25 2.40
C ARG C 107 -0.49 5.27 2.06
N ALA C 108 -1.49 5.34 2.93
CA ALA C 108 -2.60 6.27 2.72
C ALA C 108 -2.06 7.68 2.55
N ASP C 109 -2.71 8.47 1.70
CA ASP C 109 -2.34 9.89 1.56
C ASP C 109 -2.50 10.60 2.90
N ALA C 110 -1.74 11.68 3.07
CA ALA C 110 -1.78 12.45 4.32
C ALA C 110 -1.43 13.93 4.11
N ALA C 111 -2.33 14.81 4.52
CA ALA C 111 -2.09 16.23 4.49
C ALA C 111 -1.03 16.58 5.53
N PRO C 112 -0.13 17.50 5.19
CA PRO C 112 0.91 17.85 6.14
C PRO C 112 0.37 18.68 7.30
N THR C 113 1.06 18.65 8.43
CA THR C 113 0.79 19.55 9.53
C THR C 113 1.85 20.65 9.50
N VAL C 114 1.41 21.88 9.29
CA VAL C 114 2.33 22.95 8.99
C VAL C 114 2.51 23.92 10.15
N SER C 115 3.75 24.08 10.60
CA SER C 115 4.08 25.04 11.64
C SER C 115 5.14 26.04 11.17
N ILE C 116 5.01 27.28 11.62
CA ILE C 116 5.89 28.38 11.26
C ILE C 116 6.51 29.01 12.51
N PHE C 117 7.78 29.37 12.41
CA PHE C 117 8.53 29.90 13.55
C PHE C 117 9.26 31.15 13.15
N PRO C 118 8.98 32.28 13.84
CA PRO C 118 9.68 33.56 13.67
C PRO C 118 11.09 33.44 14.25
N PRO C 119 11.96 34.43 14.00
CA PRO C 119 13.30 34.34 14.54
C PRO C 119 13.33 34.32 16.07
N SER C 120 14.15 33.44 16.61
CA SER C 120 14.50 33.52 18.02
C SER C 120 15.08 34.91 18.30
N SER C 121 14.83 35.41 19.50
CA SER C 121 15.31 36.72 19.89
C SER C 121 16.83 36.71 19.94
N GLU C 122 17.38 35.55 20.26
CA GLU C 122 18.81 35.38 20.37
C GLU C 122 19.47 35.52 19.01
N GLN C 123 18.83 34.98 17.98
CA GLN C 123 19.38 35.14 16.65
C GLN C 123 19.29 36.61 16.26
N LEU C 124 18.17 37.26 16.58
CA LEU C 124 18.00 38.67 16.23
C LEU C 124 19.03 39.60 16.90
N THR C 125 19.60 39.17 18.03
CA THR C 125 20.64 39.96 18.66
C THR C 125 21.89 40.02 17.76
N SER C 126 22.00 39.09 16.81
CA SER C 126 23.23 38.95 16.03
C SER C 126 23.16 39.61 14.68
N GLY C 127 22.00 40.12 14.31
CA GLY C 127 21.87 40.79 13.02
C GLY C 127 21.48 39.85 11.91
N GLY C 128 20.82 38.75 12.26
CA GLY C 128 20.37 37.79 11.29
C GLY C 128 19.05 37.21 11.72
N ALA C 129 18.16 36.96 10.76
CA ALA C 129 16.81 36.47 11.04
C ALA C 129 16.43 35.30 10.14
N SER C 130 16.07 34.19 10.77
CA SER C 130 15.59 33.02 10.04
C SER C 130 14.13 32.71 10.36
N VAL C 131 13.29 32.65 9.33
CA VAL C 131 11.93 32.16 9.50
C VAL C 131 11.89 30.69 9.09
N VAL C 132 11.46 29.83 10.00
CA VAL C 132 11.51 28.40 9.74
C VAL C 132 10.11 27.85 9.65
N CYS C 133 9.88 26.93 8.70
CA CYS C 133 8.56 26.31 8.60
C CYS C 133 8.65 24.79 8.49
N PHE C 134 7.82 24.11 9.28
CA PHE C 134 7.84 22.67 9.36
C PHE C 134 6.58 22.06 8.77
N LEU C 135 6.74 21.29 7.72
CA LEU C 135 5.64 20.58 7.09
C LEU C 135 5.80 19.11 7.43
N ASN C 136 4.94 18.63 8.32
CA ASN C 136 5.21 17.36 8.95
C ASN C 136 4.21 16.28 8.62
N ASN C 137 4.74 15.08 8.46
CA ASN C 137 3.97 13.86 8.39
C ASN C 137 2.97 13.78 7.26
N PHE C 138 3.44 13.99 6.03
CA PHE C 138 2.59 13.92 4.84
C PHE C 138 2.95 12.79 3.86
N TYR C 139 1.99 12.46 2.99
CA TYR C 139 2.18 11.48 1.92
C TYR C 139 1.26 11.83 0.77
N PRO C 140 1.79 11.83 -0.47
CA PRO C 140 3.13 11.47 -0.92
C PRO C 140 4.13 12.59 -0.71
N LYS C 141 5.35 12.39 -1.16
CA LYS C 141 6.42 13.29 -0.82
C LYS C 141 6.43 14.55 -1.66
N ASP C 142 5.74 14.50 -2.80
CA ASP C 142 5.66 15.64 -3.70
C ASP C 142 4.91 16.79 -3.01
N ILE C 143 5.57 17.92 -2.85
CA ILE C 143 4.96 19.04 -2.13
C ILE C 143 5.58 20.41 -2.49
N ASN C 144 4.73 21.42 -2.56
CA ASN C 144 5.11 22.77 -2.97
C ASN C 144 5.02 23.74 -1.82
N VAL C 145 6.15 24.34 -1.44
CA VAL C 145 6.13 25.31 -0.35
C VAL C 145 6.63 26.66 -0.86
N LYS C 146 5.98 27.74 -0.44
CA LYS C 146 6.41 29.05 -0.88
C LYS C 146 6.31 30.04 0.26
N TRP C 147 7.14 31.07 0.16
CA TRP C 147 7.27 32.09 1.17
C TRP C 147 6.75 33.41 0.65
N LYS C 148 5.87 34.03 1.44
CA LYS C 148 5.35 35.35 1.08
C LYS C 148 5.67 36.39 2.15
N ILE C 149 6.42 37.42 1.77
CA ILE C 149 6.66 38.53 2.69
C ILE C 149 5.75 39.69 2.36
N ASP C 150 4.91 40.07 3.32
CA ASP C 150 3.88 41.09 3.10
C ASP C 150 3.02 40.75 1.89
N GLY C 151 2.68 39.48 1.78
CA GLY C 151 1.82 38.99 0.71
C GLY C 151 2.50 38.88 -0.65
N SER C 152 3.76 39.24 -0.71
CA SER C 152 4.50 39.17 -1.95
C SER C 152 5.43 37.97 -1.92
N GLU C 153 5.27 37.09 -2.91
CA GLU C 153 6.03 35.85 -3.03
C GLU C 153 7.53 36.09 -3.01
N ARG C 154 8.27 35.22 -2.32
CA ARG C 154 9.72 35.41 -2.11
C ARG C 154 10.57 34.19 -2.48
N GLN C 155 11.59 34.40 -3.32
CA GLN C 155 12.38 33.31 -3.88
C GLN C 155 13.79 33.12 -3.29
N ASN C 156 14.54 34.21 -3.13
CA ASN C 156 15.90 34.11 -2.58
C ASN C 156 15.95 33.61 -1.15
N GLY C 157 17.08 33.02 -0.76
CA GLY C 157 17.35 32.71 0.64
C GLY C 157 16.52 31.59 1.26
N VAL C 158 15.75 30.90 0.44
CA VAL C 158 14.92 29.81 0.92
C VAL C 158 15.70 28.50 0.80
N LEU C 159 15.63 27.67 1.84
CA LEU C 159 16.42 26.45 1.92
C LEU C 159 15.62 25.29 2.51
N ASN C 160 15.43 24.23 1.73
CA ASN C 160 14.54 23.13 2.12
C ASN C 160 15.31 21.85 2.38
N SER C 161 14.69 20.95 3.13
CA SER C 161 15.33 19.69 3.47
C SER C 161 14.29 18.64 3.86
N TRP C 162 14.12 17.60 3.03
CA TRP C 162 13.14 16.55 3.32
C TRP C 162 13.82 15.44 4.11
N THR C 163 13.11 14.81 5.05
CA THR C 163 13.63 13.63 5.69
C THR C 163 13.22 12.45 4.82
N ASP C 164 13.86 11.29 5.00
CA ASP C 164 13.44 10.10 4.28
C ASP C 164 12.17 9.58 4.95
N GLN C 165 11.61 8.52 4.39
CA GLN C 165 10.39 7.92 4.92
C GLN C 165 10.58 7.60 6.38
N ASP C 166 9.57 7.89 7.17
CA ASP C 166 9.68 7.64 8.58
C ASP C 166 9.59 6.16 8.82
N SER C 167 10.46 5.63 9.67
CA SER C 167 10.44 4.19 9.93
C SER C 167 9.18 3.75 10.69
N LYS C 168 8.50 4.71 11.33
CA LYS C 168 7.26 4.42 12.05
C LYS C 168 5.99 4.44 11.19
N ASP C 169 5.72 5.56 10.51
CA ASP C 169 4.48 5.71 9.75
C ASP C 169 4.66 5.89 8.23
N SER C 170 5.82 5.53 7.71
CA SER C 170 6.19 5.75 6.29
C SER C 170 5.91 7.12 5.69
N THR C 171 5.80 8.13 6.54
CA THR C 171 5.40 9.45 6.07
C THR C 171 6.63 10.32 5.80
N TYR C 172 6.45 11.41 5.07
CA TYR C 172 7.56 12.31 4.79
C TYR C 172 7.43 13.59 5.61
N SER C 173 8.56 14.27 5.85
CA SER C 173 8.53 15.62 6.41
C SER C 173 9.50 16.47 5.64
N MET C 174 9.27 17.79 5.67
CA MET C 174 10.19 18.71 5.04
C MET C 174 10.19 19.99 5.84
N SER C 175 11.34 20.68 5.85
CA SER C 175 11.44 21.96 6.54
C SER C 175 11.85 23.00 5.51
N SER C 176 11.36 24.22 5.69
CA SER C 176 11.65 25.28 4.75
C SER C 176 12.04 26.53 5.52
N THR C 177 13.29 26.95 5.33
CA THR C 177 13.82 28.07 6.08
C THR C 177 14.15 29.18 5.13
N LEU C 178 13.65 30.35 5.46
CA LEU C 178 13.93 31.54 4.70
C LEU C 178 14.84 32.37 5.59
N THR C 179 16.06 32.66 5.12
CA THR C 179 17.02 33.42 5.92
C THR C 179 17.20 34.86 5.42
N LEU C 180 17.13 35.83 6.32
CA LEU C 180 17.28 37.23 5.94
C LEU C 180 18.24 37.96 6.85
N THR C 181 18.63 39.15 6.42
CA THR C 181 19.39 40.05 7.27
C THR C 181 18.38 40.62 8.22
N LYS C 182 18.80 40.99 9.43
CA LYS C 182 17.87 41.46 10.45
C LYS C 182 17.28 42.82 10.07
N ASP C 183 18.13 43.65 9.50
CA ASP C 183 17.75 44.99 9.05
C ASP C 183 16.53 44.81 8.19
N GLU C 184 16.67 43.87 7.25
CA GLU C 184 15.67 43.50 6.25
C GLU C 184 14.39 42.95 6.88
N TYR C 185 14.59 42.07 7.85
CA TYR C 185 13.47 41.42 8.51
C TYR C 185 12.56 42.48 9.12
N GLU C 186 13.17 43.43 9.83
CA GLU C 186 12.42 44.47 10.52
C GLU C 186 11.73 45.45 9.58
N ARG C 187 11.89 45.25 8.27
CA ARG C 187 11.31 46.15 7.28
C ARG C 187 9.88 45.80 6.93
N HIS C 188 9.49 44.55 7.18
CA HIS C 188 8.19 44.06 6.72
C HIS C 188 7.38 43.53 7.87
N ASN C 189 6.12 43.23 7.60
CA ASN C 189 5.18 42.97 8.66
C ASN C 189 4.68 41.54 8.74
N SER C 190 4.11 41.05 7.65
CA SER C 190 3.56 39.69 7.65
C SER C 190 4.50 38.70 7.00
N TYR C 191 4.48 37.47 7.50
CA TYR C 191 5.35 36.44 6.96
C TYR C 191 4.55 35.17 6.76
N THR C 192 4.68 34.57 5.58
CA THR C 192 3.81 33.46 5.23
C THR C 192 4.51 32.22 4.68
N CYS C 193 4.10 31.08 5.24
CA CYS C 193 4.57 29.79 4.78
C CYS C 193 3.36 29.10 4.17
N GLU C 194 3.43 28.78 2.89
CA GLU C 194 2.26 28.28 2.17
C GLU C 194 2.55 27.02 1.37
N ALA C 195 1.77 25.98 1.63
CA ALA C 195 2.07 24.65 1.11
C ALA C 195 0.91 24.06 0.33
N THR C 196 1.23 23.49 -0.83
CA THR C 196 0.21 22.86 -1.66
C THR C 196 0.52 21.37 -1.92
N HIS C 197 -0.42 20.51 -1.54
CA HIS C 197 -0.24 19.06 -1.51
C HIS C 197 -1.48 18.42 -2.10
N LYS C 198 -1.33 17.27 -2.76
CA LYS C 198 -2.44 16.63 -3.47
C LYS C 198 -3.61 16.28 -2.54
N THR C 199 -3.35 16.19 -1.25
CA THR C 199 -4.39 15.88 -0.27
C THR C 199 -5.46 16.96 -0.13
N SER C 200 -5.33 18.04 -0.91
CA SER C 200 -6.32 19.10 -0.92
C SER C 200 -6.08 20.09 -2.04
N THR C 201 -7.14 20.75 -2.47
CA THR C 201 -7.05 21.72 -3.55
C THR C 201 -6.84 23.14 -2.99
N SER C 202 -6.96 23.26 -1.68
CA SER C 202 -6.63 24.52 -1.01
C SER C 202 -5.29 24.45 -0.29
N PRO C 203 -4.34 25.32 -0.69
CA PRO C 203 -3.02 25.37 -0.05
C PRO C 203 -3.16 25.55 1.46
N ILE C 204 -2.30 24.90 2.24
CA ILE C 204 -2.28 25.13 3.69
C ILE C 204 -1.39 26.34 4.03
N VAL C 205 -1.94 27.30 4.74
CA VAL C 205 -1.28 28.58 4.94
C VAL C 205 -0.98 28.91 6.41
N LYS C 206 0.27 29.26 6.69
CA LYS C 206 0.62 29.77 8.01
C LYS C 206 1.23 31.15 7.93
N SER C 207 0.83 32.00 8.85
CA SER C 207 1.33 33.37 8.85
C SER C 207 1.44 33.92 10.27
N PHE C 208 2.29 34.92 10.40
CA PHE C 208 2.36 35.68 11.63
C PHE C 208 2.72 37.10 11.26
N ASN C 209 2.43 38.03 12.17
CA ASN C 209 2.89 39.41 12.02
C ASN C 209 3.82 39.76 13.16
N ARG C 210 4.81 40.61 12.88
CA ARG C 210 5.72 41.06 13.91
C ARG C 210 5.03 42.01 14.88
N VAL D 2 32.43 -11.85 14.17
CA VAL D 2 33.19 -11.22 13.09
C VAL D 2 33.01 -9.70 13.09
N LYS D 3 34.11 -8.97 13.14
CA LYS D 3 34.05 -7.50 13.17
C LYS D 3 35.14 -6.83 12.35
N LEU D 4 34.77 -5.74 11.69
CA LEU D 4 35.72 -4.96 10.91
C LEU D 4 35.68 -3.52 11.40
N LEU D 5 36.78 -3.02 11.96
CA LEU D 5 36.82 -1.66 12.48
C LEU D 5 37.79 -0.72 11.78
N GLU D 6 37.24 0.27 11.12
CA GLU D 6 38.04 1.23 10.40
C GLU D 6 38.35 2.40 11.30
N SER D 7 39.44 3.08 11.00
CA SER D 7 39.82 4.27 11.73
C SER D 7 40.90 4.99 10.97
N GLY D 8 41.21 6.21 11.38
CA GLY D 8 42.27 6.97 10.77
C GLY D 8 41.81 8.11 9.89
N GLY D 9 40.51 8.40 9.88
CA GLY D 9 40.00 9.42 8.99
C GLY D 9 39.71 10.73 9.69
N GLY D 10 39.28 11.73 8.93
CA GLY D 10 38.98 13.04 9.48
C GLY D 10 39.22 14.13 8.45
N LEU D 11 39.48 15.34 8.92
CA LEU D 11 39.66 16.48 8.03
C LEU D 11 41.05 16.53 7.40
N VAL D 12 41.11 16.64 6.08
CA VAL D 12 42.40 16.65 5.37
C VAL D 12 42.38 17.79 4.35
N GLN D 13 43.48 18.52 4.26
CA GLN D 13 43.62 19.54 3.23
C GLN D 13 43.83 18.84 1.89
N PRO D 14 43.17 19.34 0.83
CA PRO D 14 43.40 18.83 -0.52
C PRO D 14 44.89 18.85 -0.82
N GLY D 15 45.38 17.84 -1.56
CA GLY D 15 46.80 17.68 -1.79
C GLY D 15 47.48 16.87 -0.70
N GLY D 16 46.78 16.71 0.43
CA GLY D 16 47.35 16.05 1.60
C GLY D 16 47.39 14.53 1.55
N SER D 17 47.92 13.93 2.62
CA SER D 17 48.04 12.48 2.76
C SER D 17 47.37 12.00 4.04
N LEU D 18 46.99 10.73 4.07
CA LEU D 18 46.27 10.19 5.22
C LEU D 18 46.34 8.68 5.13
N LYS D 19 45.92 7.99 6.18
CA LYS D 19 46.10 6.56 6.27
C LYS D 19 45.00 5.94 7.10
N LEU D 20 44.22 5.05 6.48
CA LEU D 20 43.12 4.36 7.15
C LEU D 20 43.61 3.00 7.61
N SER D 21 43.09 2.52 8.73
CA SER D 21 43.36 1.15 9.14
C SER D 21 42.04 0.42 9.36
N CYS D 22 42.00 -0.86 9.02
CA CYS D 22 40.82 -1.66 9.30
C CYS D 22 41.25 -2.85 10.14
N ALA D 23 40.72 -2.93 11.37
CA ALA D 23 41.08 -3.99 12.30
C ALA D 23 40.06 -5.10 12.26
N ALA D 24 40.52 -6.30 11.94
CA ALA D 24 39.66 -7.44 11.78
C ALA D 24 39.81 -8.38 12.97
N SER D 25 38.68 -8.90 13.45
CA SER D 25 38.73 -9.96 14.45
C SER D 25 37.50 -10.81 14.25
N GLY D 26 37.47 -11.97 14.89
CA GLY D 26 36.32 -12.86 14.82
C GLY D 26 36.52 -13.94 13.80
N PHE D 27 37.55 -13.77 12.99
CA PHE D 27 37.88 -14.74 11.95
C PHE D 27 39.38 -14.77 11.70
N ASP D 28 39.81 -15.73 10.89
CA ASP D 28 41.22 -15.92 10.55
C ASP D 28 41.56 -14.94 9.43
N PHE D 29 42.02 -13.75 9.80
CA PHE D 29 42.31 -12.69 8.85
C PHE D 29 43.36 -13.07 7.82
N SER D 30 44.24 -14.01 8.17
CA SER D 30 45.38 -14.32 7.32
C SER D 30 44.91 -15.12 6.12
N ARG D 31 43.61 -15.22 5.98
CA ARG D 31 43.11 -16.13 4.99
C ARG D 31 42.17 -15.59 3.99
N TYR D 32 41.86 -14.32 4.13
CA TYR D 32 40.85 -13.70 3.31
C TYR D 32 41.40 -12.56 2.45
N TRP D 33 40.91 -12.52 1.23
CA TRP D 33 41.10 -11.35 0.39
C TRP D 33 40.24 -10.28 1.04
N MET D 34 40.78 -9.07 1.12
CA MET D 34 40.10 -7.95 1.75
C MET D 34 39.92 -6.86 0.71
N SER D 35 38.90 -6.02 0.89
CA SER D 35 38.62 -4.94 -0.06
C SER D 35 38.29 -3.63 0.61
N TRP D 36 38.50 -2.54 -0.11
CA TRP D 36 38.03 -1.21 0.29
C TRP D 36 36.98 -0.71 -0.69
N VAL D 37 35.89 -0.18 -0.17
CA VAL D 37 34.87 0.44 -1.00
C VAL D 37 34.63 1.80 -0.38
N ARG D 38 34.28 2.78 -1.20
CA ARG D 38 34.02 4.10 -0.66
C ARG D 38 32.67 4.60 -1.16
N GLN D 39 32.05 5.49 -0.37
CA GLN D 39 30.79 6.09 -0.75
C GLN D 39 30.79 7.57 -0.44
N ALA D 40 30.73 8.40 -1.48
CA ALA D 40 30.61 9.83 -1.31
C ALA D 40 29.26 10.12 -0.66
N PRO D 41 29.12 11.27 0.02
CA PRO D 41 27.84 11.67 0.63
C PRO D 41 26.75 11.85 -0.42
N GLY D 42 25.68 11.07 -0.29
CA GLY D 42 24.55 11.20 -1.20
C GLY D 42 24.85 10.53 -2.52
N LYS D 43 25.84 9.65 -2.53
CA LYS D 43 26.22 8.96 -3.75
C LYS D 43 26.35 7.46 -3.60
N GLY D 44 26.57 6.78 -4.71
CA GLY D 44 26.62 5.33 -4.71
C GLY D 44 27.91 4.76 -4.18
N LEU D 45 28.01 3.43 -4.23
CA LEU D 45 29.22 2.71 -3.85
C LEU D 45 30.24 2.77 -4.99
N GLU D 46 31.49 3.06 -4.66
CA GLU D 46 32.58 2.94 -5.63
C GLU D 46 33.69 2.02 -5.13
N TRP D 47 33.85 0.88 -5.78
CA TRP D 47 34.94 -0.10 -5.51
C TRP D 47 36.32 0.53 -5.58
N ILE D 48 37.09 0.42 -4.50
CA ILE D 48 38.44 0.97 -4.51
C ILE D 48 39.49 -0.03 -5.02
N GLY D 49 39.65 -1.12 -4.29
CA GLY D 49 40.67 -2.09 -4.59
C GLY D 49 40.46 -3.41 -3.87
N GLN D 50 41.46 -4.28 -3.96
CA GLN D 50 41.33 -5.63 -3.47
C GLN D 50 42.72 -6.17 -3.27
N ILE D 51 42.92 -6.94 -2.22
CA ILE D 51 44.25 -7.48 -1.95
C ILE D 51 44.14 -8.91 -1.39
N ASN D 52 45.09 -9.77 -1.78
CA ASN D 52 45.07 -11.17 -1.32
C ASN D 52 45.85 -11.39 -0.01
N PRO D 53 45.70 -12.57 0.62
CA PRO D 53 46.40 -12.86 1.88
C PRO D 53 47.92 -12.68 1.88
N HIS D 54 48.58 -12.77 0.73
CA HIS D 54 50.04 -12.67 0.68
C HIS D 54 50.53 -11.32 0.15
N SER D 55 49.58 -10.44 -0.20
CA SER D 55 49.88 -9.15 -0.80
C SER D 55 50.65 -9.28 -2.13
N SER D 56 50.36 -10.35 -2.88
CA SER D 56 51.07 -10.61 -4.12
C SER D 56 50.21 -10.24 -5.30
N THR D 57 48.91 -10.11 -5.07
CA THR D 57 48.01 -9.57 -6.10
C THR D 57 47.02 -8.56 -5.54
N ILE D 58 47.21 -7.31 -5.94
CA ILE D 58 46.41 -6.19 -5.49
C ILE D 58 45.86 -5.48 -6.72
N ASN D 59 44.55 -5.30 -6.76
CA ASN D 59 43.88 -4.64 -7.86
C ASN D 59 43.25 -3.31 -7.45
N TYR D 60 43.28 -2.32 -8.35
CA TYR D 60 42.65 -1.03 -8.09
C TYR D 60 41.66 -0.66 -9.19
N THR D 61 40.77 0.28 -8.88
CA THR D 61 40.09 1.06 -9.91
C THR D 61 41.20 1.86 -10.57
N PRO D 62 41.22 1.95 -11.92
CA PRO D 62 42.35 2.58 -12.61
C PRO D 62 42.69 4.00 -12.12
N SER D 63 41.70 4.89 -12.04
CA SER D 63 41.91 6.19 -11.42
C SER D 63 42.31 5.89 -9.99
N LEU D 64 43.01 6.79 -9.33
CA LEU D 64 43.44 6.54 -7.94
C LEU D 64 44.33 5.31 -7.73
N ARG D 65 44.79 4.67 -8.79
CA ARG D 65 45.69 3.54 -8.64
C ARG D 65 47.11 3.97 -8.24
N ASP D 66 47.44 5.23 -8.49
CA ASP D 66 48.79 5.71 -8.18
C ASP D 66 48.80 6.53 -6.91
N LYS D 67 47.63 6.97 -6.48
CA LYS D 67 47.52 7.83 -5.31
C LYS D 67 46.96 7.09 -4.10
N PHE D 68 46.38 5.92 -4.33
CA PHE D 68 45.98 5.03 -3.24
C PHE D 68 46.86 3.76 -3.25
N ILE D 69 47.28 3.32 -2.06
CA ILE D 69 48.07 2.11 -1.91
C ILE D 69 47.42 1.22 -0.86
N ILE D 70 47.19 -0.05 -1.19
CA ILE D 70 46.60 -0.99 -0.25
C ILE D 70 47.64 -1.96 0.31
N SER D 71 47.51 -2.30 1.58
CA SER D 71 48.47 -3.16 2.23
C SER D 71 47.80 -3.83 3.40
N ARG D 72 48.36 -4.96 3.82
CA ARG D 72 47.87 -5.67 4.99
C ARG D 72 49.02 -6.14 5.89
N ASP D 73 48.69 -6.48 7.13
CA ASP D 73 49.65 -6.92 8.12
C ASP D 73 48.98 -8.03 8.92
N ASN D 74 49.03 -9.25 8.38
CA ASN D 74 48.31 -10.39 8.97
C ASN D 74 48.68 -10.70 10.42
N ALA D 75 49.90 -10.31 10.80
CA ALA D 75 50.34 -10.49 12.18
C ALA D 75 49.52 -9.60 13.08
N LYS D 76 49.23 -8.40 12.58
CA LYS D 76 48.49 -7.40 13.35
C LYS D 76 47.01 -7.40 13.02
N ASN D 77 46.58 -8.31 12.15
CA ASN D 77 45.17 -8.40 11.76
C ASN D 77 44.56 -7.10 11.25
N THR D 78 45.39 -6.22 10.69
CA THR D 78 44.86 -5.00 10.13
C THR D 78 45.14 -4.84 8.62
N LEU D 79 44.21 -4.19 7.95
CA LEU D 79 44.31 -3.85 6.55
C LEU D 79 44.46 -2.34 6.55
N TYR D 80 45.17 -1.81 5.55
CA TYR D 80 45.40 -0.37 5.46
C TYR D 80 44.96 0.20 4.13
N LEU D 81 44.84 1.52 4.08
CA LEU D 81 44.69 2.24 2.84
C LEU D 81 45.55 3.50 2.90
N GLN D 82 46.61 3.56 2.09
CA GLN D 82 47.35 4.80 1.92
C GLN D 82 46.55 5.73 1.00
N MET D 83 46.23 6.92 1.50
CA MET D 83 45.63 7.97 0.70
C MET D 83 46.64 9.11 0.56
N THR D 84 47.05 9.39 -0.67
CA THR D 84 47.90 10.56 -0.95
C THR D 84 47.33 11.33 -2.15
N LYS D 85 47.70 12.61 -2.23
CA LYS D 85 47.20 13.51 -3.28
C LYS D 85 45.68 13.63 -3.23
N VAL D 86 45.10 13.61 -2.03
CA VAL D 86 43.65 13.64 -1.93
C VAL D 86 43.07 14.94 -2.47
N ARG D 87 41.87 14.84 -3.05
CA ARG D 87 41.19 15.99 -3.64
C ARG D 87 39.77 15.95 -3.14
N SER D 88 39.01 16.99 -3.45
CA SER D 88 37.64 17.13 -2.99
C SER D 88 36.79 15.89 -3.27
N GLU D 89 36.93 15.32 -4.48
CA GLU D 89 36.11 14.15 -4.85
C GLU D 89 36.52 12.86 -4.11
N ASP D 90 37.58 12.95 -3.31
CA ASP D 90 37.97 11.81 -2.48
C ASP D 90 37.24 11.84 -1.14
N THR D 91 36.49 12.93 -0.90
CA THR D 91 35.63 13.01 0.26
C THR D 91 34.61 11.90 0.20
N ALA D 92 34.73 10.91 1.07
CA ALA D 92 33.76 9.81 1.11
C ALA D 92 33.85 9.04 2.41
N LEU D 93 32.88 8.18 2.66
CA LEU D 93 32.98 7.23 3.76
C LEU D 93 33.72 6.01 3.21
N TYR D 94 34.68 5.52 3.96
CA TYR D 94 35.55 4.47 3.47
C TYR D 94 35.30 3.17 4.20
N TYR D 95 34.77 2.20 3.45
CA TYR D 95 34.43 0.90 4.00
C TYR D 95 35.55 -0.09 3.75
N CYS D 96 35.82 -0.93 4.75
CA CYS D 96 36.63 -2.14 4.53
C CYS D 96 35.69 -3.36 4.55
N ALA D 97 35.97 -4.31 3.69
CA ALA D 97 35.08 -5.44 3.52
C ALA D 97 35.85 -6.72 3.28
N ARG D 98 35.20 -7.85 3.50
CA ARG D 98 35.82 -9.15 3.38
C ARG D 98 35.29 -9.83 2.14
N LEU D 99 36.17 -10.16 1.22
CA LEU D 99 35.80 -10.96 0.05
C LEU D 99 35.63 -12.38 0.51
N LEU D 100 34.42 -12.92 0.42
CA LEU D 100 34.12 -14.25 0.93
C LEU D 100 35.04 -15.28 0.27
N ARG D 101 35.53 -16.22 1.09
CA ARG D 101 36.72 -17.07 0.80
C ARG D 101 37.73 -16.40 -0.12
N TYR D 102 37.90 -16.97 -1.32
CA TYR D 102 38.50 -16.25 -2.44
C TYR D 102 37.42 -15.89 -3.42
N PHE D 103 36.69 -16.88 -3.93
CA PHE D 103 35.67 -16.54 -4.94
C PHE D 103 34.35 -15.80 -4.56
N TYR D 104 34.12 -14.73 -5.33
CA TYR D 104 32.94 -13.83 -5.27
C TYR D 104 32.61 -12.67 -4.25
N ALA D 105 32.08 -12.97 -3.07
CA ALA D 105 31.18 -12.03 -2.36
C ALA D 105 31.75 -11.19 -1.22
N LEU D 106 31.42 -9.90 -1.20
CA LEU D 106 31.83 -9.03 -0.10
C LEU D 106 30.87 -9.17 1.06
N ASP D 107 31.14 -10.11 1.96
CA ASP D 107 30.12 -10.59 2.88
C ASP D 107 30.02 -9.82 4.22
N TYR D 108 31.13 -9.28 4.68
CA TYR D 108 31.11 -8.43 5.89
C TYR D 108 31.69 -7.03 5.62
N TRP D 109 31.09 -6.03 6.25
CA TRP D 109 31.54 -4.66 6.08
C TRP D 109 31.68 -3.97 7.45
N GLY D 110 32.68 -3.12 7.59
CA GLY D 110 32.76 -2.26 8.76
C GLY D 110 31.74 -1.13 8.63
N GLN D 111 31.82 -0.13 9.51
CA GLN D 111 30.90 1.02 9.43
C GLN D 111 31.42 2.13 8.56
N GLY D 112 32.73 2.10 8.29
CA GLY D 112 33.33 3.14 7.50
C GLY D 112 34.14 4.12 8.32
N ALA D 113 35.13 4.73 7.67
CA ALA D 113 35.89 5.79 8.29
C ALA D 113 35.72 7.01 7.42
N SER D 114 35.19 8.08 8.00
CA SER D 114 34.80 9.23 7.19
C SER D 114 35.99 10.11 6.92
N VAL D 115 36.11 10.54 5.67
CA VAL D 115 37.18 11.46 5.30
C VAL D 115 36.57 12.66 4.60
N THR D 116 36.89 13.85 5.10
CA THR D 116 36.53 15.09 4.42
C THR D 116 37.80 15.75 3.91
N VAL D 117 37.88 15.90 2.59
CA VAL D 117 39.01 16.57 1.96
C VAL D 117 38.65 18.03 1.73
N SER D 118 39.26 18.91 2.52
CA SER D 118 38.87 20.32 2.54
C SER D 118 39.83 21.26 3.23
N SER D 119 39.96 22.45 2.64
CA SER D 119 40.73 23.52 3.27
C SER D 119 39.85 24.34 4.23
N ALA D 120 38.52 24.09 4.25
CA ALA D 120 37.58 24.75 5.17
C ALA D 120 37.89 24.35 6.61
N LYS D 121 37.77 25.27 7.54
CA LYS D 121 38.16 25.00 8.92
C LYS D 121 37.00 24.60 9.80
N THR D 122 37.29 23.81 10.83
CA THR D 122 36.29 23.31 11.76
C THR D 122 35.51 24.44 12.42
N THR D 123 34.18 24.34 12.34
CA THR D 123 33.32 25.36 12.86
C THR D 123 32.14 24.74 13.61
N PRO D 124 31.96 25.14 14.89
CA PRO D 124 30.78 24.83 15.71
C PRO D 124 29.54 25.58 15.29
N PRO D 125 28.39 24.96 15.56
CA PRO D 125 27.07 25.48 15.24
C PRO D 125 26.55 26.52 16.23
N SER D 126 25.74 27.45 15.73
CA SER D 126 24.93 28.26 16.60
C SER D 126 23.66 27.47 16.75
N VAL D 127 23.06 27.51 17.94
CA VAL D 127 21.92 26.66 18.25
C VAL D 127 20.75 27.50 18.76
N TYR D 128 19.75 27.69 17.92
CA TYR D 128 18.64 28.56 18.32
C TYR D 128 17.39 27.76 18.63
N PRO D 129 16.74 28.08 19.74
CA PRO D 129 15.48 27.41 20.08
C PRO D 129 14.37 28.04 19.24
N LEU D 130 13.39 27.23 18.85
CA LEU D 130 12.26 27.72 18.07
C LEU D 130 10.98 27.39 18.81
N ALA D 131 10.44 28.39 19.49
CA ALA D 131 9.17 28.22 20.18
C ALA D 131 8.09 28.76 19.23
N PRO D 132 6.83 28.32 19.39
CA PRO D 132 5.75 28.65 18.44
C PRO D 132 5.41 30.15 18.37
N GLY D 133 4.59 30.52 17.38
CA GLY D 133 4.09 31.88 17.27
C GLY D 133 3.55 32.34 18.61
N ARG D 134 3.85 33.59 18.98
CA ARG D 134 3.34 34.17 20.23
C ARG D 134 1.83 34.01 20.14
N ALA D 135 1.24 33.28 21.11
CA ALA D 135 -0.19 32.98 21.08
C ALA D 135 -0.60 32.07 22.22
N ALA D 136 -1.78 31.49 22.05
CA ALA D 136 -2.21 30.36 22.84
C ALA D 136 -3.26 29.69 21.98
N ALA D 137 -2.92 28.51 21.45
CA ALA D 137 -3.77 27.83 20.51
C ALA D 137 -4.79 26.97 21.25
N ALA D 138 -5.90 26.67 20.58
CA ALA D 138 -6.84 25.66 21.04
C ALA D 138 -6.34 24.29 20.56
N ALA D 139 -5.08 24.25 20.11
CA ALA D 139 -4.39 23.02 19.70
C ALA D 139 -4.25 21.96 20.80
N SER D 140 -4.51 20.71 20.44
CA SER D 140 -4.27 19.58 21.36
C SER D 140 -2.80 19.12 21.33
N MET D 141 -2.08 19.55 20.31
CA MET D 141 -0.65 19.27 20.23
C MET D 141 0.13 20.57 19.96
N VAL D 142 1.40 20.57 20.34
CA VAL D 142 2.23 21.73 20.11
C VAL D 142 3.59 21.29 19.55
N THR D 143 4.03 21.99 18.51
CA THR D 143 5.26 21.65 17.81
C THR D 143 6.36 22.66 18.14
N LEU D 144 7.52 22.14 18.54
CA LEU D 144 8.68 22.98 18.83
C LEU D 144 9.79 22.63 17.86
N GLY D 145 10.74 23.54 17.69
CA GLY D 145 11.84 23.31 16.78
C GLY D 145 13.18 23.79 17.31
N CYS D 146 14.25 23.29 16.72
CA CYS D 146 15.60 23.68 17.09
C CYS D 146 16.42 23.88 15.83
N LEU D 147 17.14 24.99 15.77
CA LEU D 147 17.87 25.35 14.57
C LEU D 147 19.37 25.22 14.83
N VAL D 148 20.05 24.42 14.03
CA VAL D 148 21.48 24.23 14.19
C VAL D 148 22.19 24.75 12.94
N LYS D 149 22.97 25.80 13.11
CA LYS D 149 23.34 26.60 11.97
C LYS D 149 24.83 26.95 11.88
N GLY D 150 25.41 26.74 10.71
CA GLY D 150 26.76 27.20 10.46
C GLY D 150 27.81 26.36 11.14
N TYR D 151 27.88 25.08 10.78
CA TYR D 151 28.96 24.24 11.27
C TYR D 151 29.69 23.51 10.16
N PHE D 152 30.88 23.02 10.49
CA PHE D 152 31.68 22.26 9.54
C PHE D 152 32.72 21.46 10.32
N PRO D 153 32.90 20.19 9.97
CA PRO D 153 32.11 19.44 9.00
C PRO D 153 30.99 18.66 9.70
N GLU D 154 30.27 17.84 8.94
CA GLU D 154 29.34 16.88 9.49
C GLU D 154 30.21 15.88 10.23
N PRO D 155 29.66 15.24 11.28
CA PRO D 155 28.28 15.21 11.74
C PRO D 155 28.01 16.05 12.97
N VAL D 156 26.73 16.09 13.32
CA VAL D 156 26.27 16.75 14.52
C VAL D 156 25.25 15.81 15.17
N THR D 157 24.70 16.17 16.33
CA THR D 157 23.81 15.23 17.02
C THR D 157 22.80 15.93 17.93
N VAL D 158 21.64 16.26 17.38
CA VAL D 158 20.55 16.73 18.21
C VAL D 158 19.90 15.56 18.94
N THR D 159 19.65 15.74 20.24
CA THR D 159 18.64 14.97 20.93
C THR D 159 17.65 15.94 21.59
N TRP D 160 16.67 15.40 22.29
CA TRP D 160 15.71 16.20 23.03
C TRP D 160 15.60 15.60 24.42
N ASN D 161 15.83 16.46 25.43
CA ASN D 161 15.96 16.03 26.82
C ASN D 161 16.94 14.86 26.96
N SER D 162 18.13 15.03 26.40
CA SER D 162 19.20 14.03 26.45
C SER D 162 18.76 12.64 26.01
N GLY D 163 18.00 12.58 24.91
CA GLY D 163 17.59 11.31 24.32
C GLY D 163 16.38 10.66 24.96
N SER D 164 15.75 11.37 25.88
CA SER D 164 14.57 10.86 26.58
C SER D 164 13.27 11.17 25.84
N LEU D 165 13.31 12.15 24.94
CA LEU D 165 12.16 12.47 24.09
C LEU D 165 12.48 11.92 22.72
N ALA D 166 11.86 10.81 22.35
CA ALA D 166 12.19 10.15 21.09
C ALA D 166 11.04 10.19 20.08
N ALA D 167 9.84 9.82 20.51
CA ALA D 167 8.67 9.83 19.64
C ALA D 167 8.28 11.27 19.26
N GLY D 168 7.94 11.48 17.99
CA GLY D 168 7.48 12.79 17.52
C GLY D 168 8.59 13.71 17.01
N VAL D 169 9.77 13.14 16.81
CA VAL D 169 10.91 13.93 16.40
C VAL D 169 11.19 13.75 14.93
N HIS D 170 11.53 14.84 14.25
CA HIS D 170 12.14 14.71 12.93
C HIS D 170 13.42 15.50 12.89
N THR D 171 14.51 14.86 12.47
CA THR D 171 15.75 15.59 12.33
C THR D 171 16.12 15.66 10.87
N PHE D 172 15.99 16.85 10.31
CA PHE D 172 16.20 17.03 8.89
C PHE D 172 17.68 16.92 8.55
N PRO D 173 17.98 16.42 7.34
CA PRO D 173 19.39 16.26 6.97
C PRO D 173 20.07 17.60 6.73
N ALA D 174 21.36 17.65 7.02
CA ALA D 174 22.11 18.89 6.95
C ALA D 174 22.21 19.31 5.50
N VAL D 175 22.37 20.61 5.26
CA VAL D 175 22.50 21.13 3.92
C VAL D 175 23.64 22.16 3.91
N LEU D 176 24.45 22.08 2.87
CA LEU D 176 25.63 22.93 2.72
C LEU D 176 25.22 24.33 2.25
N GLN D 177 26.15 25.27 2.37
CA GLN D 177 25.88 26.69 2.17
C GLN D 177 27.11 27.54 2.49
N ALA D 178 27.70 28.12 1.45
CA ALA D 178 29.01 28.77 1.52
C ALA D 178 30.08 27.72 1.81
N ALA D 179 30.23 27.38 3.08
CA ALA D 179 31.12 26.29 3.46
C ALA D 179 30.61 25.64 4.73
N LEU D 180 29.37 25.96 5.09
CA LEU D 180 28.81 25.50 6.36
C LEU D 180 27.47 24.78 6.27
N TYR D 181 27.18 23.97 7.28
CA TYR D 181 25.94 23.22 7.32
C TYR D 181 24.88 23.85 8.19
N THR D 182 23.64 23.46 7.91
CA THR D 182 22.51 23.89 8.72
C THR D 182 21.54 22.74 8.75
N LEU D 183 21.01 22.42 9.93
CA LEU D 183 19.87 21.54 10.04
C LEU D 183 18.93 22.01 11.13
N SER D 184 17.77 21.39 11.16
CA SER D 184 16.76 21.69 12.17
C SER D 184 16.16 20.38 12.58
N SER D 185 15.54 20.38 13.76
CA SER D 185 14.85 19.21 14.30
C SER D 185 13.52 19.66 14.93
N SER D 186 12.42 19.16 14.40
CA SER D 186 11.12 19.47 14.99
C SER D 186 10.74 18.36 15.97
N VAL D 187 10.00 18.72 17.01
CA VAL D 187 9.41 17.73 17.89
C VAL D 187 8.00 18.18 18.29
N THR D 188 7.07 17.24 18.35
CA THR D 188 5.67 17.54 18.65
C THR D 188 5.18 16.78 19.89
N VAL D 189 4.56 17.52 20.81
CA VAL D 189 4.06 16.96 22.07
C VAL D 189 2.67 17.54 22.33
N PRO D 190 1.92 16.97 23.29
CA PRO D 190 0.61 17.59 23.56
C PRO D 190 0.78 18.89 24.31
N SER D 191 -0.23 19.77 24.19
CA SER D 191 -0.18 21.09 24.80
C SER D 191 -0.10 21.00 26.31
N SER D 192 -0.68 19.95 26.89
CA SER D 192 -0.63 19.79 28.33
C SER D 192 0.81 19.65 28.84
N SER D 193 1.68 19.02 28.06
CA SER D 193 3.04 18.80 28.51
C SER D 193 4.01 19.97 28.30
N TRP D 194 3.72 20.87 27.37
CA TRP D 194 4.57 22.05 27.16
C TRP D 194 3.74 23.32 27.06
N PRO D 195 4.18 24.41 27.72
CA PRO D 195 5.46 24.62 28.41
C PRO D 195 5.52 24.27 29.88
N SER D 196 4.59 23.46 30.39
CA SER D 196 4.59 23.16 31.82
C SER D 196 5.79 22.29 32.18
N GLU D 197 6.37 21.65 31.15
CA GLU D 197 7.53 20.81 31.32
C GLU D 197 8.71 21.19 30.42
N THR D 198 9.90 20.85 30.89
CA THR D 198 11.12 21.17 30.15
C THR D 198 11.21 20.31 28.91
N VAL D 199 11.37 20.97 27.77
CA VAL D 199 11.87 20.32 26.57
C VAL D 199 13.15 21.06 26.22
N THR D 200 14.23 20.33 25.93
CA THR D 200 15.52 20.94 25.69
C THR D 200 16.22 20.33 24.50
N CYS D 201 16.71 21.19 23.63
CA CYS D 201 17.45 20.79 22.45
C CYS D 201 18.92 20.58 22.82
N ASN D 202 19.43 19.37 22.64
CA ASN D 202 20.84 19.08 22.90
C ASN D 202 21.56 18.97 21.58
N VAL D 203 22.61 19.74 21.37
CA VAL D 203 23.37 19.62 20.14
C VAL D 203 24.85 19.46 20.43
N ALA D 204 25.42 18.33 20.02
CA ALA D 204 26.86 18.09 20.19
C ALA D 204 27.55 18.02 18.85
N HIS D 205 28.74 18.62 18.76
CA HIS D 205 29.51 18.65 17.52
C HIS D 205 30.96 18.26 17.83
N PRO D 206 31.25 16.95 17.84
CA PRO D 206 32.53 16.36 18.24
C PRO D 206 33.73 17.00 17.54
N ALA D 207 33.61 17.34 16.26
CA ALA D 207 34.71 17.97 15.54
C ALA D 207 35.19 19.26 16.20
N SER D 208 34.28 20.00 16.83
CA SER D 208 34.70 21.19 17.57
C SER D 208 34.56 20.98 19.07
N SER D 209 34.35 19.73 19.48
CA SER D 209 34.21 19.37 20.90
C SER D 209 33.25 20.28 21.66
N THR D 210 32.26 20.80 20.94
CA THR D 210 31.20 21.61 21.52
C THR D 210 29.97 20.75 21.83
N LYS D 211 29.27 21.11 22.89
CA LYS D 211 28.01 20.46 23.24
C LYS D 211 27.17 21.46 24.04
N VAL D 212 26.06 21.87 23.44
CA VAL D 212 25.25 22.93 24.03
C VAL D 212 23.77 22.55 24.15
N ASP D 213 23.14 23.04 25.20
CA ASP D 213 21.74 22.77 25.44
C ASP D 213 20.95 24.06 25.26
N LYS D 214 19.78 23.96 24.66
CA LYS D 214 18.92 25.11 24.49
C LYS D 214 17.50 24.79 24.92
N LYS D 215 17.13 25.19 26.12
CA LYS D 215 15.77 25.05 26.59
C LYS D 215 14.84 25.85 25.70
N ILE D 216 13.66 25.29 25.40
CA ILE D 216 12.67 26.01 24.60
C ILE D 216 11.66 26.75 25.47
N VAL D 217 11.97 27.99 25.82
CA VAL D 217 11.02 28.81 26.58
C VAL D 217 10.09 29.56 25.62
N PRO D 218 8.85 29.84 26.06
CA PRO D 218 7.85 30.63 25.32
C PRO D 218 8.33 32.06 25.07
N ARG D 219 7.84 32.71 24.01
CA ARG D 219 8.26 34.08 23.66
C ARG D 219 7.77 35.12 24.68
N ALA D 220 7.96 36.42 24.42
CA ALA D 220 7.83 37.44 25.49
C ALA D 220 7.24 38.84 25.18
N ALA D 221 7.95 39.68 24.42
CA ALA D 221 7.46 41.04 24.16
C ALA D 221 8.22 41.77 23.05
#